data_2BHN
#
_entry.id   2BHN
#
_cell.length_a   210.325
_cell.length_b   42.752
_cell.length_c   118.736
_cell.angle_alpha   90.00
_cell.angle_beta   121.42
_cell.angle_gamma   90.00
#
_symmetry.space_group_name_H-M   'C 1 2 1'
#
_entity_poly.entity_id   1
_entity_poly.type   'polypeptide(L)'
_entity_poly.pdbx_seq_one_letter_code
;RPRVYVDVREERSPVPSILESLGVQVIPKQLPMGDYLVSDSIIVERKTSSDFAKSLFDGRLFEQASRLAEHYETVFIIVE
GPPVPRRYRGRERSLYAAMAALQLDYGIRLMNTMDPKGTALVIESLARLSTREGGQRIVIHKKPRLSDVREWQLYILQSF
PGIGRRTAERILERFGSLERFFTASKAEISKVEGIGEKRAEEIKKILMTPYKRS
;
_entity_poly.pdbx_strand_id   A,B,C,D
#
# COMPACT_ATOMS: atom_id res chain seq x y z
N PRO A 2 -5.41 30.85 13.23
CA PRO A 2 -5.33 30.45 11.82
C PRO A 2 -6.53 31.01 11.07
N ARG A 3 -6.29 31.92 10.14
CA ARG A 3 -7.39 32.47 9.40
C ARG A 3 -7.29 32.14 7.93
N VAL A 4 -8.41 31.85 7.30
CA VAL A 4 -8.47 31.81 5.84
C VAL A 4 -9.50 32.80 5.35
N TYR A 5 -9.24 33.35 4.16
CA TYR A 5 -10.22 34.19 3.51
C TYR A 5 -11.05 33.30 2.62
N VAL A 6 -12.35 33.53 2.65
CA VAL A 6 -13.28 32.81 1.82
C VAL A 6 -13.84 33.80 0.82
N ASP A 7 -14.08 33.32 -0.39
CA ASP A 7 -14.92 34.07 -1.28
C ASP A 7 -16.44 34.10 -0.92
N VAL A 8 -17.04 35.24 -1.23
CA VAL A 8 -18.47 35.44 -1.14
C VAL A 8 -19.35 34.30 -1.71
N ARG A 9 -19.20 34.01 -2.98
CA ARG A 9 -19.93 32.91 -3.58
C ARG A 9 -20.06 31.81 -2.55
N GLU A 10 -18.96 31.62 -1.79
CA GLU A 10 -18.79 30.52 -0.84
C GLU A 10 -19.55 30.65 0.49
N GLU A 11 -19.68 31.87 1.01
CA GLU A 11 -20.54 32.12 2.15
C GLU A 11 -21.95 31.50 1.97
N ARG A 12 -22.17 30.95 0.78
CA ARG A 12 -23.26 29.99 0.54
C ARG A 12 -23.05 28.68 1.34
N SER A 13 -21.86 28.06 1.20
CA SER A 13 -21.55 26.68 1.67
C SER A 13 -21.58 26.40 3.16
N PRO A 14 -21.66 25.09 3.53
CA PRO A 14 -21.42 24.59 4.89
C PRO A 14 -19.96 24.84 5.29
N VAL A 15 -19.05 24.63 4.34
CA VAL A 15 -17.62 24.60 4.63
C VAL A 15 -17.23 25.74 5.57
N PRO A 16 -17.48 27.00 5.16
CA PRO A 16 -16.87 28.04 5.96
C PRO A 16 -17.19 27.83 7.41
N SER A 17 -18.44 27.45 7.66
CA SER A 17 -18.95 27.39 9.02
C SER A 17 -18.29 26.26 9.79
N ILE A 18 -18.20 25.08 9.17
CA ILE A 18 -17.46 23.97 9.79
C ILE A 18 -16.00 24.31 9.96
N LEU A 19 -15.54 25.36 9.26
CA LEU A 19 -14.18 25.89 9.42
C LEU A 19 -14.07 26.59 10.75
N GLU A 20 -15.01 27.50 11.01
CA GLU A 20 -15.12 28.14 12.32
C GLU A 20 -15.30 27.07 13.43
N SER A 21 -15.98 25.97 13.11
CA SER A 21 -16.15 24.84 14.04
C SER A 21 -14.86 24.27 14.52
N LEU A 22 -13.81 24.46 13.72
CA LEU A 22 -12.59 23.66 13.86
C LEU A 22 -11.43 24.49 14.38
N GLY A 23 -11.75 25.69 14.82
CA GLY A 23 -10.78 26.64 15.32
C GLY A 23 -10.09 27.52 14.29
N VAL A 24 -10.81 27.89 13.22
CA VAL A 24 -10.26 28.70 12.12
C VAL A 24 -11.06 29.96 11.91
N GLN A 25 -10.42 31.13 11.97
CA GLN A 25 -11.12 32.40 11.77
C GLN A 25 -11.41 32.59 10.31
N VAL A 26 -12.67 32.43 9.90
CA VAL A 26 -13.02 32.64 8.49
C VAL A 26 -13.42 34.09 8.26
N ILE A 27 -12.73 34.73 7.32
CA ILE A 27 -13.03 36.11 6.88
C ILE A 27 -13.46 36.19 5.40
N PRO A 28 -14.67 36.71 5.14
CA PRO A 28 -15.12 36.78 3.76
C PRO A 28 -14.41 37.91 3.09
N LYS A 29 -14.01 37.67 1.86
CA LYS A 29 -13.32 38.66 1.06
C LYS A 29 -13.79 38.52 -0.37
N GLN A 30 -13.61 39.57 -1.15
CA GLN A 30 -13.70 39.47 -2.60
C GLN A 30 -12.39 39.00 -3.23
N LEU A 31 -12.26 37.71 -3.53
CA LEU A 31 -10.98 37.17 -3.98
C LEU A 31 -10.78 37.15 -5.49
N PRO A 32 -9.66 37.70 -5.96
CA PRO A 32 -9.56 37.75 -7.40
C PRO A 32 -9.56 36.36 -8.01
N MET A 33 -9.49 35.30 -7.20
CA MET A 33 -9.49 33.89 -7.67
C MET A 33 -9.77 32.87 -6.54
N GLY A 34 -10.07 31.63 -6.90
CA GLY A 34 -10.38 30.57 -5.94
C GLY A 34 -11.45 30.88 -4.91
N ASP A 35 -11.73 29.90 -4.04
CA ASP A 35 -12.74 30.09 -3.00
C ASP A 35 -12.05 30.34 -1.65
N TYR A 36 -10.88 29.78 -1.49
CA TYR A 36 -10.20 29.84 -0.21
C TYR A 36 -8.74 30.20 -0.41
N LEU A 37 -8.30 31.15 0.42
CA LEU A 37 -6.93 31.63 0.40
C LEU A 37 -6.35 31.33 1.77
N VAL A 38 -5.36 30.45 1.78
CA VAL A 38 -4.77 29.93 3.02
C VAL A 38 -3.53 30.72 3.46
N SER A 39 -2.73 31.13 2.48
CA SER A 39 -1.65 32.04 2.76
C SER A 39 -1.38 32.78 1.51
N ASP A 40 -0.49 33.76 1.65
CA ASP A 40 0.16 34.47 0.55
C ASP A 40 0.27 33.59 -0.69
N SER A 41 0.54 32.33 -0.46
CA SER A 41 1.05 31.45 -1.45
C SER A 41 0.13 30.25 -1.74
N ILE A 42 -0.79 29.93 -0.83
CA ILE A 42 -1.67 28.78 -1.07
C ILE A 42 -3.09 29.21 -1.38
N ILE A 43 -3.55 28.95 -2.60
CA ILE A 43 -4.95 29.14 -2.93
C ILE A 43 -5.66 27.80 -3.09
N VAL A 44 -6.92 27.77 -2.66
CA VAL A 44 -7.78 26.60 -2.79
C VAL A 44 -9.01 26.89 -3.65
N GLU A 45 -9.26 26.05 -4.63
CA GLU A 45 -10.45 26.10 -5.45
C GLU A 45 -11.23 24.84 -5.07
N ARG A 46 -12.44 25.05 -4.55
CA ARG A 46 -13.31 23.97 -4.14
C ARG A 46 -14.21 23.63 -5.32
N LYS A 47 -14.35 22.34 -5.61
CA LYS A 47 -15.25 21.82 -6.66
C LYS A 47 -15.78 20.46 -6.28
N THR A 48 -17.08 20.37 -6.01
CA THR A 48 -17.77 19.11 -6.06
C THR A 48 -17.39 18.45 -7.37
N SER A 49 -17.45 17.13 -7.39
CA SER A 49 -17.03 16.39 -8.55
C SER A 49 -17.96 16.59 -9.74
N SER A 50 -19.27 16.68 -9.53
CA SER A 50 -20.17 16.99 -10.64
C SER A 50 -19.59 18.17 -11.36
N ASP A 51 -19.54 19.32 -10.69
CA ASP A 51 -18.99 20.54 -11.31
C ASP A 51 -17.55 20.42 -11.89
N PHE A 52 -16.67 19.65 -11.24
CA PHE A 52 -15.35 19.38 -11.77
C PHE A 52 -15.48 18.91 -13.19
N ALA A 53 -16.41 17.98 -13.41
CA ALA A 53 -16.54 17.37 -14.72
C ALA A 53 -17.17 18.34 -15.68
N LYS A 54 -18.23 19.05 -15.25
CA LYS A 54 -18.92 19.98 -16.11
C LYS A 54 -17.87 20.91 -16.62
N SER A 55 -17.12 21.46 -15.67
CA SER A 55 -16.14 22.50 -15.90
C SER A 55 -15.07 22.04 -16.86
N LEU A 56 -14.66 20.76 -16.76
CA LEU A 56 -13.81 20.14 -17.78
C LEU A 56 -14.48 20.29 -19.13
N PHE A 57 -15.62 19.62 -19.27
CA PHE A 57 -16.31 19.47 -20.55
C PHE A 57 -16.72 20.73 -21.24
N ASP A 58 -16.58 21.87 -20.58
CA ASP A 58 -16.76 23.13 -21.29
C ASP A 58 -15.46 23.56 -21.93
N GLY A 59 -14.41 23.59 -21.15
CA GLY A 59 -13.16 24.12 -21.63
C GLY A 59 -12.82 25.05 -20.51
N ARG A 60 -13.86 25.48 -19.80
CA ARG A 60 -13.66 26.37 -18.67
C ARG A 60 -12.65 25.81 -17.67
N LEU A 61 -12.40 24.50 -17.65
CA LEU A 61 -11.46 23.95 -16.65
C LEU A 61 -9.98 24.40 -16.68
N PHE A 62 -9.27 24.09 -17.76
CA PHE A 62 -7.82 24.33 -17.83
C PHE A 62 -7.44 25.82 -17.85
N GLU A 63 -8.30 26.62 -18.48
CA GLU A 63 -8.29 28.09 -18.37
C GLU A 63 -8.21 28.58 -16.90
N GLN A 64 -9.13 28.15 -16.04
CA GLN A 64 -9.06 28.61 -14.66
C GLN A 64 -7.90 28.01 -13.89
N ALA A 65 -7.48 26.81 -14.26
CA ALA A 65 -6.35 26.18 -13.56
C ALA A 65 -5.05 26.97 -13.79
N SER A 66 -4.71 27.26 -15.05
CA SER A 66 -3.48 27.98 -15.37
C SER A 66 -3.44 29.34 -14.76
N ARG A 67 -4.62 29.97 -14.62
CA ARG A 67 -4.74 31.31 -14.06
C ARG A 67 -4.23 31.31 -12.66
N LEU A 68 -4.81 30.39 -11.88
CA LEU A 68 -4.45 30.13 -10.50
C LEU A 68 -2.96 29.90 -10.37
N ALA A 69 -2.49 29.01 -11.25
CA ALA A 69 -1.14 28.47 -11.25
C ALA A 69 -0.08 29.49 -11.66
N GLU A 70 -0.48 30.55 -12.36
CA GLU A 70 0.40 31.67 -12.64
C GLU A 70 0.20 32.81 -11.67
N HIS A 71 -0.35 32.55 -10.48
CA HIS A 71 -0.55 33.62 -9.50
C HIS A 71 -0.25 33.18 -8.07
N TYR A 72 -0.34 31.88 -7.81
CA TYR A 72 -0.05 31.29 -6.51
C TYR A 72 0.92 30.19 -6.78
N GLU A 73 1.86 30.03 -5.86
CA GLU A 73 2.88 29.03 -6.04
C GLU A 73 2.39 27.73 -5.51
N THR A 74 1.30 27.72 -4.76
CA THR A 74 0.63 26.44 -4.51
C THR A 74 -0.82 26.58 -4.86
N VAL A 75 -1.34 25.62 -5.60
CA VAL A 75 -2.70 25.63 -6.05
C VAL A 75 -3.33 24.28 -5.76
N PHE A 76 -4.29 24.24 -4.86
CA PHE A 76 -5.03 23.01 -4.66
C PHE A 76 -6.40 23.13 -5.28
N ILE A 77 -6.83 22.09 -5.99
CA ILE A 77 -8.23 22.00 -6.33
C ILE A 77 -8.80 20.91 -5.49
N ILE A 78 -9.67 21.24 -4.54
CA ILE A 78 -10.23 20.20 -3.69
C ILE A 78 -11.46 19.72 -4.42
N VAL A 79 -11.49 18.45 -4.78
CA VAL A 79 -12.65 17.91 -5.50
C VAL A 79 -13.60 17.20 -4.52
N GLU A 80 -14.82 17.68 -4.42
CA GLU A 80 -15.69 17.18 -3.39
C GLU A 80 -16.64 16.14 -3.96
N GLY A 81 -16.70 14.98 -3.32
CA GLY A 81 -17.52 13.90 -3.81
C GLY A 81 -16.64 12.95 -4.60
N PRO A 82 -17.27 11.87 -5.15
CA PRO A 82 -16.59 10.79 -5.88
C PRO A 82 -15.97 11.30 -7.17
N PRO A 83 -14.73 10.89 -7.48
CA PRO A 83 -14.06 11.43 -8.64
C PRO A 83 -14.89 11.23 -9.91
N VAL A 84 -15.57 10.10 -10.04
CA VAL A 84 -16.46 9.94 -11.19
C VAL A 84 -17.93 9.81 -10.77
N PRO A 85 -18.71 10.87 -10.99
CA PRO A 85 -20.14 10.81 -10.73
C PRO A 85 -20.83 9.75 -11.59
N ARG A 86 -21.83 9.05 -11.05
CA ARG A 86 -22.56 8.05 -11.84
C ARG A 86 -22.94 8.80 -13.10
N ARG A 87 -23.31 10.08 -12.92
CA ARG A 87 -23.69 10.98 -14.03
C ARG A 87 -22.72 10.97 -15.18
N TYR A 88 -21.48 10.57 -14.92
CA TYR A 88 -20.39 10.64 -15.91
C TYR A 88 -19.67 9.31 -16.10
N ARG A 89 -20.30 8.20 -15.74
CA ARG A 89 -19.75 6.88 -16.11
C ARG A 89 -19.38 6.93 -17.62
N GLY A 90 -18.34 6.17 -18.00
CA GLY A 90 -17.96 6.07 -19.40
C GLY A 90 -17.18 7.27 -19.91
N ARG A 91 -16.99 8.26 -19.05
CA ARG A 91 -16.09 9.35 -19.40
C ARG A 91 -14.91 9.43 -18.43
N GLU A 92 -14.57 8.30 -17.78
CA GLU A 92 -13.41 8.25 -16.90
C GLU A 92 -12.12 8.62 -17.61
N ARG A 93 -11.77 7.91 -18.68
CA ARG A 93 -10.60 8.26 -19.48
C ARG A 93 -10.35 9.80 -19.51
N SER A 94 -11.37 10.61 -19.80
CA SER A 94 -11.21 12.07 -19.85
C SER A 94 -11.12 12.71 -18.49
N LEU A 95 -11.92 12.20 -17.54
CA LEU A 95 -11.88 12.64 -16.16
C LEU A 95 -10.51 12.39 -15.59
N TYR A 96 -10.03 11.16 -15.68
CA TYR A 96 -8.71 10.83 -15.17
C TYR A 96 -7.58 11.51 -15.90
N ALA A 97 -7.50 11.35 -17.22
CA ALA A 97 -6.46 12.02 -17.97
C ALA A 97 -6.33 13.51 -17.62
N ALA A 98 -7.45 14.14 -17.28
CA ALA A 98 -7.42 15.56 -16.96
C ALA A 98 -6.78 15.73 -15.61
N MET A 99 -7.30 15.06 -14.60
CA MET A 99 -6.68 15.09 -13.27
C MET A 99 -5.15 14.94 -13.39
N ALA A 100 -4.74 13.98 -14.21
CA ALA A 100 -3.35 13.75 -14.53
C ALA A 100 -2.69 14.98 -15.18
N ALA A 101 -3.27 15.48 -16.26
CA ALA A 101 -2.70 16.63 -16.96
C ALA A 101 -2.63 17.85 -16.07
N LEU A 102 -3.50 17.89 -15.07
CA LEU A 102 -3.55 19.03 -14.17
C LEU A 102 -2.34 19.10 -13.22
N GLN A 103 -1.99 17.95 -12.64
CA GLN A 103 -0.83 17.91 -11.80
C GLN A 103 0.44 18.00 -12.63
N LEU A 104 0.56 17.15 -13.64
CA LEU A 104 1.76 17.11 -14.48
C LEU A 104 2.05 18.37 -15.34
N ASP A 105 1.05 18.93 -16.01
CA ASP A 105 1.36 20.11 -16.79
C ASP A 105 1.38 21.36 -15.97
N TYR A 106 0.48 21.50 -15.01
CA TYR A 106 0.27 22.81 -14.33
C TYR A 106 0.65 22.79 -12.89
N GLY A 107 0.94 21.61 -12.34
CA GLY A 107 1.36 21.52 -10.94
C GLY A 107 0.23 21.39 -9.94
N ILE A 108 -0.82 22.19 -10.10
CA ILE A 108 -2.05 22.03 -9.36
C ILE A 108 -2.17 20.75 -8.58
N ARG A 109 -2.31 20.85 -7.27
CA ARG A 109 -2.56 19.69 -6.42
C ARG A 109 -4.06 19.41 -6.28
N LEU A 110 -4.40 18.14 -6.04
CA LEU A 110 -5.82 17.76 -6.03
C LEU A 110 -6.16 16.93 -4.82
N MET A 111 -6.62 17.52 -3.73
CA MET A 111 -7.18 16.67 -2.66
C MET A 111 -8.58 16.30 -3.13
N ASN A 112 -8.89 15.02 -3.15
CA ASN A 112 -10.29 14.62 -3.29
C ASN A 112 -10.89 14.27 -1.92
N THR A 113 -11.94 14.98 -1.51
CA THR A 113 -12.66 14.73 -0.22
C THR A 113 -14.16 14.39 -0.37
N MET A 114 -14.73 13.80 0.68
CA MET A 114 -16.02 13.11 0.60
C MET A 114 -17.24 13.99 0.72
N ASP A 115 -17.20 14.93 1.62
CA ASP A 115 -18.30 15.84 1.74
C ASP A 115 -17.75 17.22 2.02
N PRO A 116 -18.65 18.18 2.28
CA PRO A 116 -18.08 19.45 2.68
C PRO A 116 -17.31 19.37 4.01
N LYS A 117 -17.47 18.29 4.79
CA LYS A 117 -16.69 18.21 6.01
C LYS A 117 -15.25 17.89 5.65
N GLY A 118 -15.09 16.90 4.78
CA GLY A 118 -13.77 16.55 4.28
C GLY A 118 -13.10 17.81 3.78
N THR A 119 -13.82 18.50 2.92
CA THR A 119 -13.35 19.76 2.38
C THR A 119 -12.85 20.72 3.44
N ALA A 120 -13.64 20.93 4.50
CA ALA A 120 -13.22 21.83 5.60
C ALA A 120 -11.94 21.28 6.21
N LEU A 121 -12.01 20.03 6.65
CA LEU A 121 -10.90 19.35 7.27
C LEU A 121 -9.59 19.47 6.53
N VAL A 122 -9.63 19.57 5.21
CA VAL A 122 -8.40 19.71 4.47
C VAL A 122 -7.94 21.14 4.65
N ILE A 123 -8.80 22.10 4.31
CA ILE A 123 -8.48 23.54 4.46
C ILE A 123 -7.99 23.84 5.86
N GLU A 124 -8.60 23.18 6.86
CA GLU A 124 -8.28 23.35 8.28
C GLU A 124 -6.81 23.02 8.43
N SER A 125 -6.42 21.87 7.89
CA SER A 125 -5.07 21.34 8.03
C SER A 125 -4.08 22.22 7.34
N LEU A 126 -4.50 22.78 6.20
CA LEU A 126 -3.62 23.59 5.39
C LEU A 126 -3.44 24.90 6.11
N ALA A 127 -4.53 25.38 6.72
CA ALA A 127 -4.50 26.58 7.54
C ALA A 127 -3.42 26.42 8.60
N ARG A 128 -3.64 25.43 9.48
CA ARG A 128 -2.74 25.07 10.57
C ARG A 128 -1.31 24.85 10.14
N LEU A 129 -1.08 23.90 9.23
CA LEU A 129 0.26 23.61 8.70
C LEU A 129 1.03 24.86 8.27
N SER A 130 0.41 25.74 7.50
CA SER A 130 1.20 26.81 6.93
C SER A 130 1.54 27.86 7.98
N THR A 131 0.81 27.87 9.08
CA THR A 131 1.04 28.81 10.18
C THR A 131 1.88 28.22 11.32
N ARG A 132 2.70 27.20 11.03
CA ARG A 132 3.52 26.69 12.10
C ARG A 132 4.91 27.31 12.19
N GLU A 133 5.31 27.73 13.38
CA GLU A 133 6.64 28.32 13.58
C GLU A 133 7.59 27.23 13.12
N GLY A 134 8.68 27.60 12.49
CA GLY A 134 9.54 26.57 11.92
C GLY A 134 9.23 26.45 10.44
N GLY A 135 8.41 27.35 9.93
CA GLY A 135 8.31 27.51 8.51
C GLY A 135 8.83 28.90 8.26
N GLN A 136 9.47 29.46 9.28
CA GLN A 136 9.85 30.86 9.23
C GLN A 136 11.09 31.18 10.03
N ARG A 137 11.96 31.95 9.39
CA ARG A 137 13.17 32.38 10.02
C ARG A 137 12.96 33.79 10.50
N ILE A 138 13.15 34.03 11.80
CA ILE A 138 12.94 35.35 12.39
C ILE A 138 14.23 35.93 12.99
N VAL A 139 14.61 37.10 12.48
CA VAL A 139 15.81 37.81 12.89
C VAL A 139 15.47 39.10 13.61
N ILE A 140 16.24 39.43 14.65
CA ILE A 140 16.11 40.75 15.27
C ILE A 140 17.40 41.51 15.19
N HIS A 141 17.51 42.51 14.31
CA HIS A 141 18.71 43.37 14.20
C HIS A 141 18.66 44.42 15.27
N LYS A 142 19.77 44.63 15.98
CA LYS A 142 19.86 45.81 16.84
C LYS A 142 20.14 47.00 15.93
N LYS A 143 19.53 48.14 16.21
CA LYS A 143 19.69 49.29 15.35
C LYS A 143 20.81 50.24 15.75
N PRO A 144 21.63 50.68 14.77
CA PRO A 144 22.57 51.74 14.98
C PRO A 144 21.93 52.85 15.79
N ARG A 145 22.64 53.29 16.83
CA ARG A 145 22.51 54.64 17.40
C ARG A 145 23.40 55.64 16.63
N LEU A 146 23.43 55.52 15.29
CA LEU A 146 24.10 56.46 14.38
C LEU A 146 23.87 57.93 14.77
N SER A 147 24.75 58.84 14.32
CA SER A 147 24.67 60.25 14.75
C SER A 147 24.25 61.24 13.67
N ASP A 148 24.85 61.11 12.47
CA ASP A 148 24.58 62.04 11.36
C ASP A 148 23.27 61.70 10.59
N VAL A 149 22.53 62.73 10.20
CA VAL A 149 21.46 62.53 9.21
C VAL A 149 21.97 61.69 8.03
N ARG A 150 22.93 62.22 7.27
CA ARG A 150 23.44 61.54 6.07
C ARG A 150 23.68 60.03 6.27
N GLU A 151 24.25 59.66 7.40
CA GLU A 151 24.41 58.23 7.71
C GLU A 151 23.06 57.49 7.76
N TRP A 152 22.06 58.00 8.50
CA TRP A 152 20.72 57.38 8.48
C TRP A 152 20.26 57.28 7.02
N GLN A 153 20.21 58.44 6.37
CA GLN A 153 20.02 58.48 4.92
C GLN A 153 20.68 57.32 4.17
N LEU A 154 21.92 56.97 4.47
CA LEU A 154 22.58 55.87 3.75
C LEU A 154 22.01 54.54 4.21
N TYR A 155 22.17 54.23 5.50
CA TYR A 155 21.50 53.10 6.19
C TYR A 155 20.13 52.76 5.59
N ILE A 156 19.24 53.74 5.63
CA ILE A 156 17.93 53.63 5.03
C ILE A 156 18.00 53.10 3.60
N LEU A 157 18.70 53.80 2.73
CA LEU A 157 18.78 53.38 1.36
C LEU A 157 19.20 51.90 1.23
N GLN A 158 20.21 51.50 1.99
CA GLN A 158 20.78 50.16 1.87
C GLN A 158 19.82 49.05 2.28
N SER A 159 18.68 49.44 2.81
CA SER A 159 17.69 48.47 3.19
C SER A 159 16.82 48.15 1.99
N PHE A 160 16.90 48.92 0.90
CA PHE A 160 16.19 48.52 -0.31
C PHE A 160 16.92 47.37 -0.98
N PRO A 161 16.20 46.53 -1.74
CA PRO A 161 16.81 45.32 -2.24
C PRO A 161 17.79 45.67 -3.32
N GLY A 162 18.99 45.11 -3.21
CA GLY A 162 20.04 45.31 -4.17
C GLY A 162 20.99 46.42 -3.77
N ILE A 163 20.46 47.54 -3.28
CA ILE A 163 21.29 48.71 -2.96
C ILE A 163 22.26 48.50 -1.80
N GLY A 164 23.54 48.63 -2.10
CA GLY A 164 24.57 48.61 -1.07
C GLY A 164 24.85 50.06 -0.70
N ARG A 165 25.97 50.29 0.02
CA ARG A 165 26.39 51.63 0.42
C ARG A 165 26.81 52.51 -0.76
N ARG A 166 27.42 51.91 -1.79
CA ARG A 166 27.98 52.68 -2.90
C ARG A 166 26.84 53.28 -3.69
N THR A 167 25.97 52.43 -4.22
CA THR A 167 24.77 52.93 -4.90
C THR A 167 24.02 53.93 -4.00
N ALA A 168 24.00 53.65 -2.70
CA ALA A 168 23.42 54.57 -1.74
C ALA A 168 23.91 55.96 -2.07
N GLU A 169 25.22 56.16 -1.88
CA GLU A 169 25.89 57.42 -2.22
C GLU A 169 25.45 57.89 -3.61
N ARG A 170 25.56 57.00 -4.60
CA ARG A 170 25.27 57.38 -5.99
C ARG A 170 23.81 57.85 -6.20
N ILE A 171 22.86 57.18 -5.57
CA ILE A 171 21.46 57.62 -5.57
C ILE A 171 21.34 59.10 -5.11
N LEU A 172 21.94 59.39 -3.95
CA LEU A 172 21.88 60.71 -3.32
C LEU A 172 22.72 61.76 -4.05
N GLU A 173 23.83 61.31 -4.64
CA GLU A 173 24.58 62.12 -5.56
C GLU A 173 23.58 62.49 -6.66
N ARG A 174 22.89 61.50 -7.23
CA ARG A 174 21.98 61.75 -8.35
C ARG A 174 20.69 62.52 -8.01
N PHE A 175 20.01 62.16 -6.91
CA PHE A 175 18.68 62.75 -6.57
C PHE A 175 18.63 63.86 -5.48
N GLY A 176 19.62 63.93 -4.59
CA GLY A 176 19.66 65.00 -3.59
C GLY A 176 18.84 64.75 -2.33
N SER A 177 17.52 64.63 -2.49
CA SER A 177 16.66 64.25 -1.38
C SER A 177 16.45 62.76 -1.46
N LEU A 178 16.28 62.12 -0.30
CA LEU A 178 15.66 60.81 -0.26
C LEU A 178 14.24 60.99 -0.82
N GLU A 179 13.61 62.10 -0.43
CA GLU A 179 12.25 62.47 -0.85
C GLU A 179 12.08 62.36 -2.35
N ARG A 180 13.00 62.94 -3.10
CA ARG A 180 12.87 63.03 -4.56
C ARG A 180 13.16 61.67 -5.22
N PHE A 181 14.00 60.86 -4.58
CA PHE A 181 14.30 59.53 -5.10
C PHE A 181 13.08 58.62 -4.94
N PHE A 182 12.47 58.72 -3.76
CA PHE A 182 11.28 57.97 -3.42
C PHE A 182 10.11 58.30 -4.35
N THR A 183 10.24 59.44 -5.04
CA THR A 183 9.25 59.97 -5.96
C THR A 183 9.57 59.63 -7.40
N ALA A 184 10.80 59.19 -7.65
CA ALA A 184 11.32 59.05 -9.01
C ALA A 184 10.70 57.89 -9.83
N SER A 185 10.70 58.05 -11.15
CA SER A 185 10.12 57.06 -12.08
C SER A 185 11.08 55.95 -12.34
N LYS A 186 10.54 54.80 -12.78
CA LYS A 186 11.33 53.59 -13.09
C LYS A 186 12.50 53.84 -14.08
N ALA A 187 12.34 54.82 -14.98
CA ALA A 187 13.41 55.30 -15.87
C ALA A 187 14.51 56.00 -15.09
N GLU A 188 14.19 57.18 -14.55
CA GLU A 188 15.08 57.96 -13.67
C GLU A 188 15.73 57.14 -12.53
N ILE A 189 15.00 56.18 -11.99
CA ILE A 189 15.57 55.29 -10.99
C ILE A 189 16.65 54.36 -11.55
N SER A 190 16.39 53.65 -12.65
CA SER A 190 17.37 52.64 -13.05
C SER A 190 18.54 53.25 -13.80
N LYS A 191 18.37 54.49 -14.28
CA LYS A 191 19.48 55.27 -14.86
C LYS A 191 20.69 55.39 -13.89
N VAL A 192 20.51 54.93 -12.65
CA VAL A 192 21.55 54.95 -11.61
C VAL A 192 22.42 53.68 -11.68
N GLU A 193 23.72 53.87 -11.95
CA GLU A 193 24.68 52.76 -12.02
C GLU A 193 24.63 51.90 -10.76
N GLY A 194 24.25 50.63 -10.92
CA GLY A 194 24.02 49.79 -9.77
C GLY A 194 22.60 49.29 -9.77
N ILE A 195 21.63 50.19 -9.72
CA ILE A 195 20.24 49.81 -9.97
C ILE A 195 20.05 49.57 -11.48
N GLY A 196 19.95 48.31 -11.90
CA GLY A 196 19.55 47.99 -13.27
C GLY A 196 18.05 48.05 -13.44
N GLU A 197 17.59 47.97 -14.70
CA GLU A 197 16.15 47.96 -15.03
C GLU A 197 15.29 46.96 -14.21
N LYS A 198 15.82 45.76 -13.99
CA LYS A 198 15.21 44.80 -13.05
C LYS A 198 15.02 45.47 -11.67
N ARG A 199 16.12 45.83 -11.02
CA ARG A 199 16.03 46.45 -9.71
C ARG A 199 15.20 47.71 -9.64
N ALA A 200 14.95 48.34 -10.77
CA ALA A 200 14.06 49.52 -10.78
C ALA A 200 12.63 49.07 -10.56
N GLU A 201 12.21 48.02 -11.27
CA GLU A 201 10.85 47.53 -11.15
C GLU A 201 10.60 47.09 -9.69
N GLU A 202 11.52 46.30 -9.15
CA GLU A 202 11.36 45.80 -7.81
C GLU A 202 11.13 46.99 -6.83
N ILE A 203 11.86 48.09 -7.06
CA ILE A 203 11.86 49.24 -6.15
C ILE A 203 10.54 50.01 -6.18
N LYS A 204 10.14 50.45 -7.37
CA LYS A 204 8.83 51.09 -7.52
C LYS A 204 7.79 50.16 -6.91
N LYS A 205 7.87 48.86 -7.20
CA LYS A 205 6.88 47.90 -6.68
C LYS A 205 6.79 48.07 -5.17
N ILE A 206 7.96 48.09 -4.54
CA ILE A 206 8.01 48.31 -3.11
C ILE A 206 7.44 49.68 -2.85
N LEU A 207 7.97 50.68 -3.53
CA LEU A 207 7.52 52.06 -3.31
C LEU A 207 6.00 52.32 -3.44
N MET A 208 5.35 51.68 -4.41
CA MET A 208 3.97 52.04 -4.69
C MET A 208 2.88 50.96 -4.49
N THR A 209 3.25 49.71 -4.22
CA THR A 209 2.23 48.71 -3.89
C THR A 209 1.59 49.09 -2.55
N PRO A 210 0.24 49.15 -2.51
CA PRO A 210 -0.60 49.30 -1.30
C PRO A 210 -0.53 48.10 -0.34
N TYR A 211 -1.30 48.15 0.73
CA TYR A 211 -1.16 47.17 1.82
C TYR A 211 -2.28 46.12 1.85
N LYS A 212 -2.61 45.64 3.05
CA LYS A 212 -3.52 44.51 3.24
C LYS A 212 -4.71 44.92 4.10
N PRO B 2 4.18 3.61 -24.64
CA PRO B 2 4.22 3.87 -23.23
C PRO B 2 4.56 2.62 -22.48
N ARG B 3 5.79 2.58 -21.95
CA ARG B 3 6.22 1.58 -21.01
C ARG B 3 6.01 2.10 -19.63
N VAL B 4 5.70 1.21 -18.73
CA VAL B 4 5.80 1.51 -17.34
C VAL B 4 6.47 0.27 -16.76
N TYR B 5 7.18 0.45 -15.65
CA TYR B 5 7.80 -0.67 -14.97
C TYR B 5 6.96 -1.03 -13.78
N VAL B 6 6.87 -2.31 -13.52
CA VAL B 6 6.18 -2.72 -12.35
C VAL B 6 7.10 -3.51 -11.45
N ASP B 7 6.99 -3.19 -10.16
CA ASP B 7 7.67 -3.93 -9.19
C ASP B 7 6.93 -5.21 -9.07
N VAL B 8 7.70 -6.22 -8.73
CA VAL B 8 7.28 -7.58 -8.89
C VAL B 8 6.15 -7.82 -7.93
N ARG B 9 6.33 -7.40 -6.67
CA ARG B 9 5.28 -7.55 -5.64
C ARG B 9 4.00 -6.88 -6.09
N GLU B 10 4.07 -6.07 -7.15
CA GLU B 10 2.85 -5.55 -7.80
C GLU B 10 2.33 -6.37 -8.99
N GLU B 11 3.23 -7.02 -9.75
CA GLU B 11 2.84 -7.74 -11.00
C GLU B 11 1.41 -8.35 -10.91
N ARG B 12 1.05 -8.80 -9.72
CA ARG B 12 -0.16 -9.60 -9.56
C ARG B 12 -1.48 -8.86 -9.33
N SER B 13 -1.52 -7.54 -9.22
CA SER B 13 -2.83 -6.86 -9.09
C SER B 13 -3.56 -6.98 -10.39
N PRO B 14 -4.81 -6.48 -10.46
CA PRO B 14 -5.37 -6.44 -11.82
C PRO B 14 -4.76 -5.32 -12.68
N VAL B 15 -4.00 -4.41 -12.07
CA VAL B 15 -3.60 -3.22 -12.83
C VAL B 15 -2.67 -3.46 -14.05
N PRO B 16 -1.55 -4.20 -13.91
CA PRO B 16 -0.86 -4.47 -15.18
C PRO B 16 -1.77 -5.01 -16.30
N SER B 17 -2.73 -5.88 -16.00
CA SER B 17 -3.62 -6.35 -17.06
C SER B 17 -4.38 -5.19 -17.67
N ILE B 18 -5.02 -4.37 -16.84
CA ILE B 18 -5.81 -3.33 -17.41
C ILE B 18 -4.88 -2.37 -18.14
N LEU B 19 -3.60 -2.34 -17.78
CA LEU B 19 -2.67 -1.37 -18.38
C LEU B 19 -2.32 -1.83 -19.76
N GLU B 20 -1.80 -3.03 -19.88
CA GLU B 20 -1.57 -3.63 -21.17
C GLU B 20 -2.80 -3.51 -22.06
N SER B 21 -3.97 -3.85 -21.54
CA SER B 21 -5.16 -3.84 -22.34
C SER B 21 -5.41 -2.48 -22.94
N LEU B 22 -4.69 -1.47 -22.42
CA LEU B 22 -4.88 -0.07 -22.74
C LEU B 22 -3.84 0.44 -23.75
N GLY B 23 -2.96 -0.45 -24.18
CA GLY B 23 -1.90 -0.09 -25.11
C GLY B 23 -0.61 0.24 -24.38
N VAL B 24 -0.61 0.07 -23.08
CA VAL B 24 0.57 0.41 -22.30
C VAL B 24 1.38 -0.83 -21.94
N GLN B 25 2.64 -0.84 -22.36
CA GLN B 25 3.49 -1.96 -22.14
C GLN B 25 3.88 -2.01 -20.69
N VAL B 26 3.77 -3.19 -20.09
CA VAL B 26 4.09 -3.29 -18.68
C VAL B 26 5.32 -4.17 -18.47
N ILE B 27 6.34 -3.64 -17.81
CA ILE B 27 7.56 -4.44 -17.67
C ILE B 27 7.93 -4.73 -16.23
N PRO B 28 7.98 -6.02 -15.87
CA PRO B 28 8.34 -6.43 -14.53
C PRO B 28 9.78 -6.11 -14.21
N LYS B 29 10.01 -5.32 -13.17
CA LYS B 29 11.39 -5.00 -12.74
C LYS B 29 11.75 -5.25 -11.29
CA GLN B 30 12.79 -5.37 -8.86
C GLN B 30 12.91 -3.85 -8.59
N LEU B 31 11.80 -3.15 -8.41
CA LEU B 31 11.91 -1.71 -8.27
C LEU B 31 12.38 -1.30 -6.88
N PRO B 32 13.52 -0.55 -6.77
CA PRO B 32 14.01 -0.15 -5.45
C PRO B 32 12.97 0.54 -4.64
N MET B 33 12.01 1.21 -5.30
CA MET B 33 10.89 1.94 -4.61
C MET B 33 9.59 1.92 -5.38
N GLY B 34 8.51 2.23 -4.68
CA GLY B 34 7.22 2.50 -5.30
C GLY B 34 6.58 1.33 -5.98
N ASP B 35 5.51 1.61 -6.73
CA ASP B 35 4.77 0.55 -7.40
C ASP B 35 4.94 0.47 -8.95
N TYR B 36 4.82 1.59 -9.63
CA TYR B 36 4.95 1.60 -11.05
C TYR B 36 5.98 2.65 -11.26
N LEU B 37 6.89 2.49 -12.20
CA LEU B 37 7.77 3.63 -12.54
C LEU B 37 7.36 4.19 -13.90
N VAL B 38 6.62 5.26 -13.88
CA VAL B 38 6.11 5.83 -15.11
C VAL B 38 7.26 6.29 -15.96
N SER B 39 8.39 6.61 -15.31
CA SER B 39 9.45 7.35 -16.00
C SER B 39 10.86 7.35 -15.40
N ASP B 40 11.26 8.35 -14.64
CA ASP B 40 12.69 8.43 -14.28
C ASP B 40 12.74 9.54 -13.29
N SER B 41 11.55 10.06 -13.01
CA SER B 41 11.36 11.26 -12.26
C SER B 41 10.02 11.06 -11.64
N ILE B 42 9.16 10.28 -12.30
CA ILE B 42 7.82 10.05 -11.82
C ILE B 42 7.70 8.67 -11.26
N ILE B 43 7.56 8.53 -9.96
CA ILE B 43 7.26 7.21 -9.45
C ILE B 43 5.86 7.22 -8.87
N VAL B 44 5.21 6.05 -8.89
CA VAL B 44 3.87 5.91 -8.37
C VAL B 44 3.75 4.85 -7.27
N GLU B 45 3.33 5.30 -6.09
CA GLU B 45 2.93 4.37 -5.05
C GLU B 45 1.45 4.17 -5.14
N ARG B 46 1.04 2.92 -5.18
CA ARG B 46 -0.37 2.57 -5.27
C ARG B 46 -0.86 2.09 -3.89
N LYS B 47 -2.02 2.59 -3.46
CA LYS B 47 -2.55 2.20 -2.16
C LYS B 47 -4.06 2.11 -2.14
N THR B 48 -4.60 0.99 -1.65
CA THR B 48 -6.03 0.95 -1.34
C THR B 48 -6.23 1.87 -0.14
N SER B 49 -7.36 2.57 -0.09
CA SER B 49 -7.50 3.51 1.01
C SER B 49 -7.37 2.76 2.32
N SER B 50 -7.72 1.48 2.35
CA SER B 50 -7.41 0.69 3.50
C SER B 50 -5.94 0.85 3.81
N ASP B 51 -5.09 0.39 2.89
CA ASP B 51 -3.62 0.35 3.08
C ASP B 51 -3.05 1.73 3.41
N PHE B 52 -3.64 2.76 2.81
CA PHE B 52 -3.27 4.12 3.16
C PHE B 52 -3.50 4.33 4.64
N ALA B 53 -4.73 4.02 5.07
CA ALA B 53 -5.16 4.18 6.45
C ALA B 53 -4.31 3.41 7.45
N LYS B 54 -4.31 2.08 7.35
CA LYS B 54 -3.44 1.26 8.22
C LYS B 54 -2.02 1.84 8.25
N SER B 55 -1.49 2.17 7.08
CA SER B 55 -0.14 2.70 7.02
C SER B 55 0.13 4.09 7.53
N LEU B 56 -0.92 4.92 7.64
CA LEU B 56 -0.75 6.22 8.31
C LEU B 56 -0.44 6.07 9.79
N PHE B 57 -1.31 5.37 10.51
CA PHE B 57 -1.13 5.17 11.95
C PHE B 57 -0.06 4.11 12.18
N ASP B 58 0.96 4.10 11.35
CA ASP B 58 2.03 3.13 11.41
C ASP B 58 3.44 3.73 11.17
N GLY B 59 3.50 5.03 10.88
CA GLY B 59 4.79 5.66 10.62
C GLY B 59 5.14 5.24 9.20
N ARG B 60 4.77 4.01 8.89
CA ARG B 60 4.99 3.45 7.59
C ARG B 60 4.65 4.42 6.41
N LEU B 61 3.65 5.30 6.56
CA LEU B 61 3.24 6.19 5.46
C LEU B 61 4.25 7.30 5.21
N PHE B 62 4.83 7.81 6.28
CA PHE B 62 5.80 8.92 6.14
C PHE B 62 7.22 8.34 5.95
N GLU B 63 7.47 7.16 6.55
CA GLU B 63 8.73 6.47 6.31
C GLU B 63 8.81 6.36 4.80
N GLN B 64 7.78 5.77 4.22
CA GLN B 64 7.78 5.58 2.80
C GLN B 64 7.89 6.94 2.15
N ALA B 65 6.95 7.81 2.52
CA ALA B 65 6.80 9.15 1.96
C ALA B 65 8.14 9.89 1.72
N SER B 66 8.80 10.33 2.80
CA SER B 66 10.09 10.97 2.66
C SER B 66 10.96 10.16 1.72
N ARG B 67 11.17 8.88 2.03
CA ARG B 67 12.11 8.11 1.20
C ARG B 67 11.72 8.27 -0.26
N LEU B 68 10.42 8.22 -0.54
CA LEU B 68 9.95 8.36 -1.90
C LEU B 68 10.33 9.70 -2.45
N ALA B 69 10.16 10.73 -1.63
CA ALA B 69 10.42 12.11 -2.06
C ALA B 69 11.92 12.39 -2.31
N GLU B 70 12.74 11.62 -1.60
CA GLU B 70 14.18 11.77 -1.57
C GLU B 70 14.79 11.41 -2.90
N HIS B 71 14.18 10.45 -3.59
CA HIS B 71 14.77 9.84 -4.76
C HIS B 71 14.06 10.15 -6.04
N TYR B 72 12.82 10.57 -5.99
CA TYR B 72 12.18 10.88 -7.25
C TYR B 72 11.73 12.30 -7.26
N GLU B 73 11.76 12.94 -8.43
CA GLU B 73 11.30 14.31 -8.51
C GLU B 73 9.78 14.40 -8.37
N THR B 74 9.08 13.36 -8.74
CA THR B 74 7.65 13.44 -8.80
C THR B 74 7.01 12.21 -8.18
N VAL B 75 6.53 12.33 -6.95
CA VAL B 75 5.94 11.19 -6.29
C VAL B 75 4.43 11.32 -6.29
N PHE B 76 3.79 10.26 -6.78
CA PHE B 76 2.32 10.20 -6.89
C PHE B 76 1.89 9.15 -5.93
N ILE B 77 1.06 9.50 -4.96
CA ILE B 77 0.36 8.41 -4.27
C ILE B 77 -1.06 8.30 -4.79
N ILE B 78 -1.34 7.11 -5.32
CA ILE B 78 -2.65 6.79 -5.82
C ILE B 78 -3.48 6.15 -4.72
N VAL B 79 -4.56 6.80 -4.35
CA VAL B 79 -5.46 6.27 -3.35
C VAL B 79 -6.70 5.70 -4.05
N GLU B 80 -6.78 4.38 -4.02
CA GLU B 80 -7.82 3.65 -4.74
C GLU B 80 -8.98 3.34 -3.79
N GLY B 81 -10.20 3.55 -4.28
CA GLY B 81 -11.38 3.56 -3.43
C GLY B 81 -11.55 4.83 -2.59
N PRO B 82 -12.47 4.78 -1.63
CA PRO B 82 -12.92 6.01 -0.94
C PRO B 82 -11.87 6.70 -0.03
N PRO B 83 -11.67 8.04 -0.20
CA PRO B 83 -10.68 8.78 0.61
C PRO B 83 -10.71 8.31 2.06
N VAL B 84 -11.90 8.06 2.56
CA VAL B 84 -12.03 7.60 3.92
C VAL B 84 -12.97 6.40 3.92
N PRO B 85 -12.39 5.18 4.03
CA PRO B 85 -13.13 3.92 4.17
C PRO B 85 -14.15 4.01 5.31
N ARG B 86 -15.15 3.14 5.23
CA ARG B 86 -16.24 3.16 6.16
C ARG B 86 -15.65 3.02 7.57
N ARG B 87 -14.80 2.00 7.75
CA ARG B 87 -14.20 1.63 9.04
C ARG B 87 -13.41 2.75 9.72
N TYR B 88 -12.86 3.69 8.95
CA TYR B 88 -12.04 4.77 9.53
C TYR B 88 -12.70 6.13 9.68
N ARG B 89 -13.94 6.29 9.20
CA ARG B 89 -14.67 7.53 9.46
C ARG B 89 -14.66 7.69 10.98
N GLY B 90 -13.90 8.68 11.44
CA GLY B 90 -13.65 8.86 12.86
C GLY B 90 -12.33 9.60 12.99
N ARG B 91 -11.23 8.87 12.89
CA ARG B 91 -9.93 9.48 12.70
C ARG B 91 -9.90 10.08 11.27
N GLU B 92 -10.96 10.81 10.92
CA GLU B 92 -11.10 11.38 9.57
C GLU B 92 -10.24 12.61 9.37
N ARG B 93 -10.24 13.54 10.34
CA ARG B 93 -9.29 14.66 10.39
C ARG B 93 -7.84 14.20 10.41
N SER B 94 -7.59 12.98 10.84
CA SER B 94 -6.25 12.45 10.83
C SER B 94 -5.77 12.14 9.40
N LEU B 95 -6.69 11.59 8.59
CA LEU B 95 -6.40 11.18 7.21
C LEU B 95 -6.26 12.38 6.29
N TYR B 96 -7.23 13.29 6.36
CA TYR B 96 -7.17 14.46 5.53
C TYR B 96 -5.95 15.25 5.90
N ALA B 97 -5.68 15.37 7.21
CA ALA B 97 -4.48 16.05 7.66
C ALA B 97 -3.25 15.46 7.01
N ALA B 98 -2.99 14.18 7.21
CA ALA B 98 -1.89 13.49 6.57
C ALA B 98 -1.77 13.87 5.09
N MET B 99 -2.91 13.79 4.39
CA MET B 99 -3.01 14.22 3.00
C MET B 99 -2.53 15.64 2.71
N ALA B 100 -2.77 16.57 3.62
CA ALA B 100 -2.26 17.90 3.41
C ALA B 100 -0.75 17.96 3.62
N ALA B 101 -0.27 17.34 4.67
CA ALA B 101 1.15 17.41 5.05
C ALA B 101 2.06 16.81 3.95
N LEU B 102 1.68 15.62 3.46
CA LEU B 102 2.38 14.93 2.36
C LEU B 102 2.43 15.86 1.20
N GLN B 103 1.27 16.45 0.91
CA GLN B 103 1.17 17.30 -0.24
C GLN B 103 2.11 18.56 -0.17
N LEU B 104 2.31 19.12 1.03
CA LEU B 104 3.08 20.38 1.24
C LEU B 104 4.53 20.17 1.63
N ASP B 105 4.76 19.17 2.47
CA ASP B 105 6.03 19.02 3.15
C ASP B 105 6.87 18.08 2.37
N TYR B 106 6.22 17.21 1.63
CA TYR B 106 6.90 16.28 0.78
C TYR B 106 6.62 16.59 -0.69
N GLY B 107 5.71 17.52 -0.96
CA GLY B 107 5.28 17.79 -2.33
C GLY B 107 4.88 16.50 -3.03
N ILE B 108 4.27 15.60 -2.26
CA ILE B 108 3.77 14.36 -2.84
C ILE B 108 2.38 14.59 -3.30
N ARG B 109 2.00 13.84 -4.31
CA ARG B 109 0.79 14.16 -5.07
C ARG B 109 -0.20 13.04 -4.97
N LEU B 110 -1.36 13.35 -4.35
CA LEU B 110 -2.40 12.36 -4.14
C LEU B 110 -3.34 12.38 -5.31
N MET B 111 -3.67 11.21 -5.82
CA MET B 111 -4.84 11.09 -6.70
C MET B 111 -5.72 10.01 -6.10
N ASN B 112 -7.03 10.24 -6.02
CA ASN B 112 -7.91 9.16 -5.63
C ASN B 112 -8.63 8.58 -6.85
N THR B 113 -8.44 7.29 -7.09
CA THR B 113 -9.18 6.57 -8.13
C THR B 113 -10.25 5.73 -7.46
N MET B 114 -11.26 5.30 -8.21
CA MET B 114 -12.39 4.61 -7.60
C MET B 114 -12.24 3.10 -7.53
N ASP B 115 -11.23 2.58 -8.22
CA ASP B 115 -11.01 1.15 -8.39
C ASP B 115 -9.70 0.91 -9.14
N PRO B 116 -9.38 -0.35 -9.47
CA PRO B 116 -8.26 -0.64 -10.38
C PRO B 116 -8.29 0.01 -11.78
N LYS B 117 -9.41 -0.04 -12.52
CA LYS B 117 -9.51 0.69 -13.82
C LYS B 117 -9.09 2.16 -13.60
N GLY B 118 -9.75 2.79 -12.63
CA GLY B 118 -9.39 4.14 -12.24
C GLY B 118 -7.88 4.32 -12.15
N THR B 119 -7.21 3.43 -11.44
CA THR B 119 -5.77 3.54 -11.24
C THR B 119 -4.96 3.27 -12.49
N ALA B 120 -5.38 2.25 -13.26
CA ALA B 120 -4.73 1.96 -14.52
C ALA B 120 -4.89 3.18 -15.36
N LEU B 121 -6.13 3.67 -15.46
CA LEU B 121 -6.41 4.92 -16.20
C LEU B 121 -5.43 6.09 -15.88
N VAL B 122 -5.22 6.38 -14.61
CA VAL B 122 -4.34 7.47 -14.24
C VAL B 122 -2.89 7.18 -14.63
N ILE B 123 -2.45 5.95 -14.43
CA ILE B 123 -1.08 5.57 -14.78
C ILE B 123 -0.87 5.58 -16.30
N GLU B 124 -1.82 5.08 -17.06
CA GLU B 124 -1.73 5.16 -18.50
C GLU B 124 -1.58 6.62 -18.95
N SER B 125 -2.38 7.51 -18.37
CA SER B 125 -2.29 8.92 -18.62
C SER B 125 -0.91 9.54 -18.29
N LEU B 126 -0.42 9.30 -17.08
CA LEU B 126 0.90 9.80 -16.70
C LEU B 126 1.92 9.33 -17.70
N ALA B 127 1.78 8.06 -18.07
CA ALA B 127 2.56 7.45 -19.15
C ALA B 127 2.60 8.26 -20.48
N ARG B 128 1.42 8.58 -21.02
CA ARG B 128 1.31 9.28 -22.29
C ARG B 128 1.80 10.69 -22.14
N LEU B 129 1.42 11.28 -21.02
CA LEU B 129 1.72 12.69 -20.75
C LEU B 129 3.23 12.94 -20.64
N SER B 130 3.96 11.91 -20.21
CA SER B 130 5.39 12.07 -20.02
C SER B 130 6.15 11.87 -21.30
N THR B 131 5.91 10.75 -21.97
CA THR B 131 6.59 10.39 -23.19
C THR B 131 5.89 11.13 -24.33
N ARG B 132 5.85 12.46 -24.26
CA ARG B 132 5.17 13.28 -25.25
C ARG B 132 6.04 14.49 -25.54
N ARG B 145 6.28 35.15 -5.16
CA ARG B 145 5.68 35.55 -3.88
C ARG B 145 5.71 37.07 -3.74
N LEU B 146 4.83 37.75 -4.48
CA LEU B 146 4.70 39.21 -4.40
C LEU B 146 4.49 39.60 -2.96
N SER B 147 3.90 38.70 -2.18
CA SER B 147 3.81 38.87 -0.71
C SER B 147 5.19 39.07 -0.01
N ASP B 148 6.26 38.84 -0.78
CA ASP B 148 7.64 39.17 -0.39
C ASP B 148 7.80 40.67 -0.27
N VAL B 149 6.83 41.40 -0.81
CA VAL B 149 6.89 42.84 -0.85
C VAL B 149 6.52 43.49 0.50
N ARG B 150 5.54 42.93 1.20
CA ARG B 150 5.19 43.49 2.49
C ARG B 150 6.49 43.69 3.29
N GLU B 151 7.27 42.60 3.42
CA GLU B 151 8.53 42.59 4.18
C GLU B 151 9.52 43.66 3.78
N TRP B 152 9.86 43.74 2.49
CA TRP B 152 10.79 44.75 2.08
C TRP B 152 10.23 46.10 2.49
N GLN B 153 8.93 46.24 2.51
CA GLN B 153 8.41 47.50 3.00
C GLN B 153 8.67 47.64 4.53
N LEU B 154 8.15 46.71 5.34
CA LEU B 154 8.36 46.74 6.78
C LEU B 154 9.83 46.78 7.07
N TYR B 155 10.63 46.09 6.23
CA TYR B 155 12.08 46.16 6.37
C TYR B 155 12.48 47.61 6.29
N ILE B 156 12.27 48.21 5.13
CA ILE B 156 12.74 49.56 4.87
C ILE B 156 12.25 50.59 5.90
N LEU B 157 10.97 50.50 6.25
CA LEU B 157 10.37 51.46 7.17
C LEU B 157 11.08 51.36 8.47
N GLN B 158 11.35 50.14 8.95
CA GLN B 158 12.04 50.00 10.25
C GLN B 158 13.47 50.52 10.19
N SER B 159 13.87 50.98 9.02
CA SER B 159 15.18 51.46 8.87
C SER B 159 15.27 52.88 9.37
N PHE B 160 14.11 53.47 9.66
CA PHE B 160 14.06 54.87 10.12
C PHE B 160 14.18 54.94 11.65
N PRO B 161 14.89 55.97 12.18
CA PRO B 161 15.16 55.98 13.63
C PRO B 161 13.86 56.10 14.37
N GLY B 162 13.63 55.26 15.37
CA GLY B 162 12.37 55.30 16.11
C GLY B 162 11.34 54.32 15.60
N ILE B 163 11.50 53.86 14.38
CA ILE B 163 10.52 52.89 13.86
C ILE B 163 10.82 51.39 14.01
N GLY B 164 10.02 50.72 14.84
CA GLY B 164 9.93 49.25 14.86
C GLY B 164 8.85 48.63 13.95
N ARG B 165 8.77 47.30 13.97
CA ARG B 165 7.77 46.56 13.19
C ARG B 165 6.32 46.97 13.37
N ARG B 166 5.83 47.06 14.60
CA ARG B 166 4.46 47.54 14.75
C ARG B 166 4.29 48.96 14.16
N THR B 167 5.10 49.92 14.56
CA THR B 167 4.92 51.25 14.01
C THR B 167 4.91 51.22 12.47
N ALA B 168 5.66 50.27 11.89
CA ALA B 168 5.79 50.15 10.44
C ALA B 168 4.50 49.65 9.82
N GLU B 169 4.02 48.46 10.21
CA GLU B 169 2.65 48.06 9.80
C GLU B 169 1.68 49.20 10.08
N ARG B 170 1.84 49.88 11.21
CA ARG B 170 0.91 50.94 11.57
C ARG B 170 1.01 52.09 10.55
N ILE B 171 2.16 52.20 9.89
CA ILE B 171 2.32 53.21 8.83
C ILE B 171 1.62 52.79 7.53
N LEU B 172 1.82 51.55 7.14
CA LEU B 172 1.09 51.01 6.01
C LEU B 172 -0.42 50.93 6.29
N GLU B 173 -0.81 50.94 7.56
CA GLU B 173 -2.20 51.07 7.92
C GLU B 173 -2.69 52.46 7.46
N ARG B 174 -2.31 53.54 8.17
CA ARG B 174 -2.78 54.89 7.81
C ARG B 174 -2.46 55.26 6.36
N PHE B 175 -1.34 54.74 5.85
CA PHE B 175 -0.81 55.21 4.56
C PHE B 175 -0.85 54.26 3.37
N GLY B 176 -0.76 52.96 3.61
CA GLY B 176 -1.00 52.01 2.52
C GLY B 176 0.07 51.92 1.45
N SER B 177 0.47 53.06 0.89
CA SER B 177 1.62 53.18 0.00
C SER B 177 2.81 53.36 0.91
N LEU B 178 4.01 52.97 0.45
CA LEU B 178 5.26 53.52 1.02
C LEU B 178 5.40 54.94 0.54
N GLU B 179 5.01 55.16 -0.71
CA GLU B 179 5.16 56.46 -1.35
C GLU B 179 4.38 57.61 -0.69
N ARG B 180 3.10 57.37 -0.35
CA ARG B 180 2.27 58.42 0.25
C ARG B 180 2.77 58.86 1.67
N PHE B 181 3.32 57.90 2.42
CA PHE B 181 3.94 58.19 3.70
C PHE B 181 5.23 58.93 3.50
N PHE B 182 6.01 58.52 2.51
CA PHE B 182 7.22 59.25 2.12
C PHE B 182 6.93 60.64 1.55
N THR B 183 5.66 60.88 1.22
CA THR B 183 5.20 62.12 0.59
C THR B 183 4.45 62.94 1.64
N ALA B 184 4.43 62.42 2.86
CA ALA B 184 3.52 62.95 3.89
C ALA B 184 4.03 64.18 4.63
N SER B 185 3.09 64.85 5.28
CA SER B 185 3.38 66.04 6.08
C SER B 185 3.74 65.62 7.50
N LYS B 186 4.67 66.36 8.09
CA LYS B 186 4.98 66.20 9.50
C LYS B 186 3.64 66.19 10.18
N ALA B 187 2.76 67.06 9.66
CA ALA B 187 1.36 67.20 10.06
C ALA B 187 0.56 65.89 10.12
N GLU B 188 0.63 65.08 9.07
CA GLU B 188 -0.08 63.80 9.03
C GLU B 188 0.72 62.65 9.72
N ILE B 189 2.05 62.68 9.55
CA ILE B 189 2.99 61.68 10.06
C ILE B 189 2.90 61.51 11.58
N SER B 190 3.15 62.60 12.29
CA SER B 190 3.33 62.59 13.76
C SER B 190 2.27 61.87 14.58
N LYS B 191 1.05 61.85 14.05
CA LYS B 191 -0.12 61.29 14.75
C LYS B 191 -0.09 59.76 14.79
N VAL B 192 0.46 59.12 13.75
CA VAL B 192 0.58 57.67 13.73
C VAL B 192 1.13 57.20 15.06
N GLU B 193 0.33 56.45 15.83
CA GLU B 193 0.76 56.02 17.15
C GLU B 193 2.13 55.31 17.14
N GLY B 194 3.05 55.75 18.00
CA GLY B 194 4.42 55.19 18.03
C GLY B 194 5.52 56.08 17.44
N ILE B 195 5.07 57.15 16.76
CA ILE B 195 5.88 58.21 16.17
C ILE B 195 5.45 59.47 16.87
N GLY B 196 6.32 60.12 17.64
CA GLY B 196 5.93 61.40 18.27
C GLY B 196 5.85 62.52 17.26
N GLU B 197 5.84 63.78 17.72
CA GLU B 197 6.29 64.90 16.88
C GLU B 197 7.82 64.73 16.74
N LYS B 198 8.53 64.91 17.85
CA LYS B 198 9.91 64.46 17.99
C LYS B 198 10.30 63.50 16.88
N ARG B 199 9.97 62.21 17.00
CA ARG B 199 10.37 61.26 15.94
C ARG B 199 9.91 61.82 14.61
N ALA B 200 8.63 62.20 14.48
CA ALA B 200 8.12 62.67 13.19
C ALA B 200 9.03 63.72 12.54
N GLU B 201 9.35 64.76 13.29
CA GLU B 201 10.26 65.78 12.81
C GLU B 201 11.58 65.20 12.30
N GLU B 202 12.13 64.23 13.04
CA GLU B 202 13.37 63.59 12.65
C GLU B 202 13.16 62.90 11.28
N ILE B 203 12.00 62.27 11.12
CA ILE B 203 11.72 61.58 9.87
C ILE B 203 11.54 62.54 8.68
N LYS B 204 10.49 63.37 8.69
CA LYS B 204 10.34 64.38 7.64
C LYS B 204 11.71 65.05 7.33
N LYS B 205 12.56 65.17 8.35
CA LYS B 205 13.87 65.80 8.18
C LYS B 205 14.83 64.89 7.44
N ILE B 206 15.06 63.70 7.98
CA ILE B 206 15.88 62.73 7.24
C ILE B 206 15.42 62.64 5.78
N LEU B 207 14.13 62.43 5.59
CA LEU B 207 13.49 62.44 4.28
C LEU B 207 13.69 63.67 3.38
N MET B 208 14.11 64.81 3.95
CA MET B 208 14.16 66.06 3.17
C MET B 208 15.50 66.79 3.12
N THR B 209 16.44 66.39 3.97
CA THR B 209 17.76 67.02 3.97
C THR B 209 18.51 66.60 2.72
N PRO B 210 19.16 67.58 2.03
CA PRO B 210 19.95 67.30 0.84
C PRO B 210 21.30 66.66 1.16
N TYR B 211 21.85 65.97 0.17
CA TYR B 211 23.10 65.26 0.33
C TYR B 211 24.34 66.15 0.45
N LYS B 212 25.30 65.73 1.27
CA LYS B 212 26.67 66.28 1.30
C LYS B 212 27.42 66.00 0.00
N ARG C 3 8.28 -14.72 30.43
CA ARG C 3 9.48 -15.50 30.84
C ARG C 3 9.51 -16.95 30.28
N VAL C 4 10.72 -17.42 29.96
CA VAL C 4 10.94 -18.78 29.40
C VAL C 4 11.96 -19.67 30.16
N TYR C 5 11.60 -20.96 30.30
CA TYR C 5 12.44 -21.98 30.90
C TYR C 5 13.56 -22.48 29.98
N VAL C 6 14.69 -22.82 30.59
CA VAL C 6 15.80 -23.43 29.88
C VAL C 6 16.10 -24.77 30.53
N ASP C 7 16.37 -25.79 29.71
CA ASP C 7 16.98 -27.01 30.23
C ASP C 7 18.44 -26.69 30.57
N VAL C 8 18.85 -27.13 31.75
CA VAL C 8 20.22 -26.97 32.26
C VAL C 8 21.35 -27.40 31.28
N ARG C 9 20.97 -28.00 30.15
CA ARG C 9 21.90 -28.24 29.02
C ARG C 9 22.46 -26.93 28.42
N GLU C 10 21.63 -25.87 28.45
CA GLU C 10 21.99 -24.56 27.91
C GLU C 10 22.50 -23.56 28.99
N GLU C 11 23.40 -24.05 29.84
CA GLU C 11 24.19 -23.20 30.73
C GLU C 11 25.62 -23.15 30.15
N ARG C 12 25.73 -23.39 28.84
CA ARG C 12 27.01 -23.48 28.12
C ARG C 12 26.90 -23.03 26.65
N SER C 13 25.67 -22.82 26.20
CA SER C 13 25.39 -22.40 24.83
C SER C 13 25.88 -20.96 24.58
N PRO C 14 25.92 -20.51 23.31
CA PRO C 14 26.09 -19.08 23.08
C PRO C 14 24.84 -18.28 23.45
N VAL C 15 23.69 -18.94 23.53
CA VAL C 15 22.39 -18.23 23.62
C VAL C 15 22.05 -17.54 24.96
N PRO C 16 21.82 -18.33 26.05
CA PRO C 16 21.11 -17.84 27.25
C PRO C 16 21.23 -16.35 27.53
N SER C 17 22.47 -15.84 27.47
CA SER C 17 22.77 -14.43 27.78
C SER C 17 22.17 -13.41 26.79
N ILE C 18 21.74 -13.88 25.63
CA ILE C 18 21.05 -13.03 24.65
C ILE C 18 19.54 -13.02 24.93
N LEU C 19 19.09 -13.92 25.81
CA LEU C 19 17.72 -13.94 26.32
C LEU C 19 17.61 -12.93 27.46
N GLU C 20 18.57 -13.00 28.38
CA GLU C 20 18.75 -11.99 29.43
C GLU C 20 19.15 -10.60 28.86
N SER C 21 19.38 -10.54 27.55
CA SER C 21 19.52 -9.29 26.80
C SER C 21 18.19 -8.95 26.13
N LEU C 22 17.45 -9.98 25.73
CA LEU C 22 16.17 -9.81 25.04
C LEU C 22 15.03 -9.28 25.95
N GLY C 23 15.41 -8.78 27.13
CA GLY C 23 14.45 -8.26 28.09
C GLY C 23 13.76 -9.33 28.90
N VAL C 24 13.50 -10.47 28.27
CA VAL C 24 12.81 -11.61 28.89
C VAL C 24 13.79 -12.57 29.56
N GLN C 25 13.46 -12.97 30.78
CA GLN C 25 14.38 -13.75 31.62
C GLN C 25 14.41 -15.26 31.31
N VAL C 26 15.58 -15.83 31.61
CA VAL C 26 15.94 -17.19 31.28
C VAL C 26 16.01 -17.97 32.61
N ILE C 27 14.91 -18.68 32.96
CA ILE C 27 14.77 -19.46 34.21
C ILE C 27 14.90 -20.99 33.98
N PRO C 28 15.83 -21.67 34.72
CA PRO C 28 16.09 -23.11 34.50
C PRO C 28 15.16 -24.12 35.20
N LYS C 29 15.14 -25.34 34.68
CA LYS C 29 14.43 -26.50 35.25
C LYS C 29 14.89 -27.77 34.51
N GLN C 30 14.71 -28.93 35.15
CA GLN C 30 15.03 -30.24 34.55
C GLN C 30 13.94 -30.61 33.54
N LEU C 31 14.00 -29.98 32.37
CA LEU C 31 13.02 -30.18 31.32
C LEU C 31 13.10 -31.61 30.80
N PRO C 32 12.02 -32.41 30.95
CA PRO C 32 12.05 -33.80 30.49
C PRO C 32 12.36 -33.95 28.99
N MET C 33 12.24 -32.84 28.24
CA MET C 33 12.54 -32.80 26.80
C MET C 33 12.91 -31.39 26.37
N GLY C 34 13.38 -31.29 25.12
CA GLY C 34 13.68 -30.01 24.49
C GLY C 34 14.90 -29.31 25.08
N ASP C 35 15.23 -28.16 24.53
CA ASP C 35 16.26 -27.32 25.11
C ASP C 35 15.58 -26.12 25.82
N TYR C 36 14.39 -25.72 25.35
CA TYR C 36 13.61 -24.60 25.91
C TYR C 36 12.12 -24.91 26.04
N LEU C 37 11.51 -24.31 27.08
CA LEU C 37 10.05 -24.32 27.25
C LEU C 37 9.51 -22.90 27.08
N VAL C 38 8.20 -22.81 26.80
CA VAL C 38 7.51 -21.54 26.47
C VAL C 38 6.07 -21.58 26.94
N SER C 39 5.43 -22.74 26.77
CA SER C 39 4.04 -22.93 27.18
C SER C 39 3.76 -24.43 27.37
N ASP C 40 2.54 -24.74 27.83
CA ASP C 40 2.13 -26.12 28.12
C ASP C 40 2.12 -26.95 26.84
N SER C 41 1.93 -26.26 25.72
CA SER C 41 1.75 -26.90 24.42
C SER C 41 2.96 -26.68 23.50
N ILE C 42 4.03 -26.09 24.04
CA ILE C 42 5.12 -25.56 23.20
C ILE C 42 6.56 -25.84 23.68
N ILE C 43 7.25 -26.72 22.95
CA ILE C 43 8.66 -27.07 23.22
C ILE C 43 9.56 -26.56 22.10
N VAL C 44 10.78 -26.16 22.45
CA VAL C 44 11.76 -25.71 21.47
C VAL C 44 13.02 -26.51 21.64
N GLU C 45 13.54 -27.06 20.54
CA GLU C 45 14.82 -27.76 20.56
C GLU C 45 15.78 -27.09 19.59
N ARG C 46 16.94 -26.70 20.09
CA ARG C 46 18.01 -26.17 19.26
C ARG C 46 18.89 -27.29 18.74
N LYS C 47 19.35 -27.13 17.52
CA LYS C 47 20.30 -28.07 16.93
C LYS C 47 21.25 -27.31 16.00
N THR C 48 22.42 -26.95 16.54
CA THR C 48 23.49 -26.33 15.74
C THR C 48 23.62 -27.11 14.44
N SER C 49 23.29 -26.46 13.33
CA SER C 49 23.12 -27.12 12.01
C SER C 49 24.11 -28.24 11.76
N SER C 50 25.30 -28.08 12.31
CA SER C 50 26.34 -29.11 12.29
C SER C 50 25.84 -30.39 12.93
N ASP C 51 25.55 -30.34 14.23
CA ASP C 51 25.16 -31.53 15.01
C ASP C 51 23.75 -32.01 14.72
N PHE C 52 22.88 -31.09 14.32
CA PHE C 52 21.60 -31.41 13.70
C PHE C 52 21.82 -32.46 12.63
N ALA C 53 22.81 -32.21 11.78
CA ALA C 53 23.15 -33.07 10.65
C ALA C 53 23.47 -34.49 11.08
N LYS C 54 24.57 -34.64 11.82
CA LYS C 54 24.99 -35.93 12.34
C LYS C 54 23.78 -36.72 12.81
N SER C 55 23.05 -36.11 13.74
CA SER C 55 21.90 -36.70 14.42
C SER C 55 20.76 -37.16 13.49
N LEU C 56 20.72 -36.65 12.26
CA LEU C 56 19.79 -37.17 11.25
C LEU C 56 20.25 -38.55 10.76
N PHE C 57 21.55 -38.65 10.46
CA PHE C 57 22.16 -39.90 10.00
C PHE C 57 22.65 -40.74 11.18
N ASP C 58 22.29 -40.34 12.39
CA ASP C 58 22.56 -41.12 13.62
C ASP C 58 21.42 -42.06 13.97
N GLY C 59 20.21 -41.50 14.00
CA GLY C 59 19.04 -42.17 14.56
C GLY C 59 18.30 -41.09 15.31
N ARG C 60 18.85 -40.69 16.47
CA ARG C 60 18.26 -39.63 17.30
C ARG C 60 17.15 -38.87 16.56
N LEU C 61 17.55 -37.88 15.78
CA LEU C 61 16.63 -36.94 15.13
C LEU C 61 15.14 -37.31 15.17
N PHE C 62 14.73 -38.28 14.36
CA PHE C 62 13.31 -38.62 14.26
C PHE C 62 12.70 -39.16 15.55
N GLU C 63 13.46 -39.90 16.34
CA GLU C 63 12.99 -40.42 17.62
C GLU C 63 12.82 -39.27 18.61
N GLN C 64 13.78 -38.35 18.61
CA GLN C 64 13.74 -37.25 19.57
C GLN C 64 12.79 -36.19 19.08
N ALA C 65 12.32 -36.33 17.84
CA ALA C 65 11.33 -35.42 17.29
C ALA C 65 9.92 -36.02 17.35
N SER C 66 9.85 -37.33 17.59
CA SER C 66 8.57 -37.98 17.84
C SER C 66 8.11 -37.68 19.26
N ARG C 67 8.99 -37.96 20.24
CA ARG C 67 8.70 -37.72 21.66
C ARG C 67 8.23 -36.29 21.85
N LEU C 68 9.00 -35.37 21.26
CA LEU C 68 8.62 -33.97 21.26
C LEU C 68 7.16 -33.78 20.83
N ALA C 69 6.72 -34.57 19.85
CA ALA C 69 5.36 -34.47 19.29
C ALA C 69 4.33 -35.09 20.21
N GLU C 70 4.64 -36.28 20.71
CA GLU C 70 3.69 -37.08 21.50
C GLU C 70 3.32 -36.43 22.83
N HIS C 71 3.81 -35.22 23.08
CA HIS C 71 3.71 -34.57 24.41
C HIS C 71 3.36 -33.09 24.33
N TYR C 72 3.64 -32.48 23.18
CA TYR C 72 3.36 -31.07 22.98
C TYR C 72 2.75 -30.83 21.60
N GLU C 73 1.66 -30.08 21.55
CA GLU C 73 0.96 -29.82 20.29
C GLU C 73 1.90 -29.15 19.30
N THR C 74 2.78 -28.28 19.81
CA THR C 74 3.73 -27.51 19.01
C THR C 74 5.20 -27.90 19.25
N VAL C 75 5.93 -28.11 18.15
CA VAL C 75 7.36 -28.43 18.24
C VAL C 75 8.23 -27.51 17.37
N PHE C 76 8.97 -26.61 18.01
CA PHE C 76 9.89 -25.77 17.27
C PHE C 76 11.27 -26.38 17.33
N ILE C 77 11.78 -26.77 16.18
CA ILE C 77 13.20 -27.06 16.04
C ILE C 77 13.85 -25.94 15.25
N ILE C 78 14.80 -25.26 15.89
CA ILE C 78 15.50 -24.15 15.28
C ILE C 78 16.90 -24.58 14.89
N VAL C 79 17.23 -24.47 13.60
CA VAL C 79 18.58 -24.81 13.19
C VAL C 79 19.46 -23.56 13.15
N GLU C 80 20.50 -23.58 13.98
CA GLU C 80 21.40 -22.45 14.12
C GLU C 80 22.64 -22.67 13.25
N GLY C 81 22.81 -21.76 12.27
CA GLY C 81 23.88 -21.81 11.27
C GLY C 81 23.30 -21.89 9.87
N PRO C 82 24.05 -21.42 8.84
CA PRO C 82 23.63 -21.63 7.45
C PRO C 82 23.30 -23.12 7.18
N PRO C 83 22.03 -23.42 6.82
CA PRO C 83 21.42 -24.75 6.65
C PRO C 83 22.40 -25.90 6.34
N VAL C 84 23.10 -25.81 5.21
CA VAL C 84 24.08 -26.83 4.86
C VAL C 84 25.52 -26.28 5.01
N PRO C 85 26.25 -26.80 6.02
CA PRO C 85 27.68 -26.54 6.14
C PRO C 85 28.43 -27.36 5.10
N ARG C 86 29.38 -26.75 4.40
CA ARG C 86 30.12 -27.40 3.29
C ARG C 86 30.48 -28.86 3.57
N ARG C 87 30.73 -29.17 4.85
CA ARG C 87 31.05 -30.53 5.30
C ARG C 87 29.97 -31.53 4.88
N TYR C 88 28.72 -31.16 5.14
CA TYR C 88 27.58 -31.95 4.70
C TYR C 88 27.02 -31.35 3.41
N ARG C 89 27.93 -31.05 2.48
CA ARG C 89 27.55 -30.65 1.12
C ARG C 89 27.89 -31.81 0.21
N GLY C 90 26.85 -32.58 -0.13
CA GLY C 90 26.96 -33.79 -0.91
C GLY C 90 25.56 -34.37 -0.88
N ARG C 91 25.27 -35.09 0.21
CA ARG C 91 23.92 -35.61 0.46
C ARG C 91 22.98 -34.50 0.95
N GLU C 92 22.57 -33.65 0.00
CA GLU C 92 21.62 -32.55 0.24
C GLU C 92 20.16 -33.00 0.05
N ARG C 93 19.95 -34.01 -0.80
CA ARG C 93 18.64 -34.62 -0.98
C ARG C 93 18.07 -35.28 0.29
N SER C 94 18.92 -35.59 1.26
CA SER C 94 18.45 -36.15 2.54
C SER C 94 18.15 -35.03 3.56
N LEU C 95 19.15 -34.16 3.75
CA LEU C 95 19.04 -32.99 4.63
C LEU C 95 17.78 -32.19 4.45
N TYR C 96 17.30 -32.10 3.21
CA TYR C 96 16.02 -31.47 2.92
C TYR C 96 14.90 -32.46 3.11
N ALA C 97 15.07 -33.65 2.59
CA ALA C 97 14.05 -34.67 2.74
C ALA C 97 13.54 -34.72 4.18
N ALA C 98 14.46 -34.54 5.13
CA ALA C 98 14.18 -34.64 6.56
C ALA C 98 13.43 -33.41 7.04
N MET C 99 14.02 -32.25 6.80
CA MET C 99 13.35 -31.00 7.09
C MET C 99 11.89 -31.10 6.64
N ALA C 100 11.69 -31.38 5.35
CA ALA C 100 10.34 -31.59 4.78
C ALA C 100 9.57 -32.79 5.37
N ALA C 101 10.28 -33.81 5.83
CA ALA C 101 9.63 -34.93 6.53
C ALA C 101 9.08 -34.54 7.89
N LEU C 102 9.95 -34.05 8.77
CA LEU C 102 9.58 -33.65 10.14
C LEU C 102 8.38 -32.70 10.14
N GLN C 103 8.30 -31.88 9.09
CA GLN C 103 7.20 -30.96 8.96
C GLN C 103 5.88 -31.68 8.66
N LEU C 104 5.78 -32.27 7.47
CA LEU C 104 4.55 -32.94 7.05
C LEU C 104 4.10 -34.05 8.01
N ASP C 105 5.03 -34.97 8.33
CA ASP C 105 4.74 -36.17 9.14
C ASP C 105 4.56 -35.94 10.62
N TYR C 106 5.36 -35.04 11.19
CA TYR C 106 5.41 -34.85 12.63
C TYR C 106 4.84 -33.52 13.07
N GLY C 107 4.36 -32.72 12.13
CA GLY C 107 3.82 -31.39 12.47
C GLY C 107 4.83 -30.34 12.91
N ILE C 108 5.98 -30.79 13.42
CA ILE C 108 7.11 -29.92 13.80
C ILE C 108 7.14 -28.70 12.92
N ARG C 109 7.28 -27.54 13.55
CA ARG C 109 7.51 -26.31 12.84
C ARG C 109 9.01 -26.03 12.90
N LEU C 110 9.64 -26.10 11.73
CA LEU C 110 11.06 -25.92 11.54
C LEU C 110 11.46 -24.47 11.29
N MET C 111 12.58 -24.04 11.86
CA MET C 111 13.11 -22.70 11.58
C MET C 111 14.60 -22.74 11.23
N ASN C 112 15.08 -21.69 10.57
CA ASN C 112 16.51 -21.59 10.29
C ASN C 112 17.14 -20.24 10.60
N THR C 113 17.77 -20.18 11.77
CA THR C 113 18.46 -18.98 12.17
C THR C 113 19.83 -18.95 11.54
N MET C 114 20.39 -17.74 11.53
CA MET C 114 21.67 -17.43 10.92
C MET C 114 22.77 -17.75 11.92
N ASP C 115 22.54 -17.34 13.16
CA ASP C 115 23.49 -17.46 14.24
C ASP C 115 22.67 -17.63 15.53
N PRO C 116 23.34 -17.80 16.69
CA PRO C 116 22.63 -17.89 17.97
C PRO C 116 21.78 -16.66 18.33
N LYS C 117 22.18 -15.46 17.91
CA LYS C 117 21.40 -14.27 18.22
C LYS C 117 20.00 -14.40 17.62
N GLY C 118 19.92 -14.54 16.30
CA GLY C 118 18.66 -14.84 15.62
C GLY C 118 17.94 -15.98 16.32
N THR C 119 18.70 -17.03 16.61
CA THR C 119 18.24 -18.16 17.42
C THR C 119 17.58 -17.69 18.73
N ALA C 120 18.17 -16.70 19.40
CA ALA C 120 17.54 -16.11 20.60
C ALA C 120 16.35 -15.22 20.24
N LEU C 121 16.59 -14.26 19.35
CA LEU C 121 15.55 -13.36 18.84
C LEU C 121 14.25 -14.10 18.54
N VAL C 122 14.37 -15.18 17.76
CA VAL C 122 13.21 -15.98 17.40
C VAL C 122 12.44 -16.38 18.65
N ILE C 123 13.16 -16.83 19.68
CA ILE C 123 12.52 -17.25 20.93
C ILE C 123 11.96 -16.07 21.73
N GLU C 124 12.67 -14.94 21.74
CA GLU C 124 12.15 -13.75 22.38
C GLU C 124 10.75 -13.47 21.85
N SER C 125 10.64 -13.53 20.53
CA SER C 125 9.40 -13.25 19.81
C SER C 125 8.36 -14.33 20.10
N LEU C 126 8.83 -15.56 20.19
CA LEU C 126 7.99 -16.68 20.57
C LEU C 126 7.43 -16.53 21.99
N ALA C 127 8.28 -16.09 22.91
CA ALA C 127 7.89 -15.82 24.28
C ALA C 127 6.82 -14.72 24.30
N ARG C 128 7.21 -13.56 23.79
CA ARG C 128 6.40 -12.35 23.90
C ARG C 128 4.97 -12.50 23.37
N LEU C 129 4.82 -13.15 22.22
CA LEU C 129 3.51 -13.26 21.52
C LEU C 129 2.47 -14.18 22.21
N SER C 130 2.86 -14.79 23.33
CA SER C 130 1.96 -15.70 24.03
C SER C 130 1.85 -15.37 25.51
N SER C 147 -8.59 -32.03 -2.83
CA SER C 147 -9.84 -31.91 -2.11
C SER C 147 -10.56 -33.26 -1.96
N ASP C 148 -11.18 -33.42 -0.79
CA ASP C 148 -12.04 -34.57 -0.47
C ASP C 148 -13.25 -34.64 -1.43
N VAL C 149 -13.75 -33.46 -1.81
CA VAL C 149 -14.86 -33.34 -2.70
C VAL C 149 -14.58 -34.06 -4.02
N ARG C 150 -13.40 -33.86 -4.61
CA ARG C 150 -13.10 -34.43 -5.95
C ARG C 150 -13.29 -35.95 -5.98
N GLU C 151 -12.70 -36.62 -4.99
CA GLU C 151 -12.84 -38.05 -4.89
C GLU C 151 -14.32 -38.44 -4.76
N TRP C 152 -15.05 -37.70 -3.91
CA TRP C 152 -16.48 -37.97 -3.74
C TRP C 152 -17.17 -38.02 -5.14
N GLN C 153 -16.98 -36.93 -5.90
CA GLN C 153 -17.36 -36.87 -7.31
C GLN C 153 -17.07 -38.16 -8.06
N LEU C 154 -15.81 -38.46 -8.21
CA LEU C 154 -15.32 -39.68 -8.93
C LEU C 154 -15.87 -40.92 -8.44
N TYR C 155 -16.19 -40.90 -7.03
CA TYR C 155 -16.77 -42.16 -6.55
C TYR C 155 -18.25 -42.36 -7.33
N ILE C 156 -18.91 -41.17 -7.42
CA ILE C 156 -20.23 -40.94 -8.08
C ILE C 156 -20.28 -41.22 -9.55
N LEU C 157 -19.33 -40.68 -10.25
CA LEU C 157 -19.28 -40.79 -11.66
C LEU C 157 -18.88 -42.21 -12.03
N GLN C 158 -18.04 -42.83 -11.20
CA GLN C 158 -17.56 -44.19 -11.44
C GLN C 158 -18.66 -45.18 -11.14
N SER C 159 -19.79 -44.64 -10.66
CA SER C 159 -20.95 -45.43 -10.38
C SER C 159 -21.76 -45.71 -11.60
N PHE C 160 -21.66 -44.83 -12.59
CA PHE C 160 -22.41 -44.98 -13.82
C PHE C 160 -21.81 -46.08 -14.67
N PRO C 161 -22.65 -46.82 -15.43
CA PRO C 161 -22.15 -48.03 -16.03
C PRO C 161 -21.13 -47.70 -17.09
N GLY C 162 -20.07 -48.49 -17.18
CA GLY C 162 -19.02 -48.21 -18.16
C GLY C 162 -18.05 -47.11 -17.76
N ILE C 163 -18.43 -46.23 -16.87
CA ILE C 163 -17.55 -45.16 -16.48
C ILE C 163 -16.42 -45.50 -15.47
N GLY C 164 -15.15 -45.39 -15.92
CA GLY C 164 -14.00 -45.60 -15.05
C GLY C 164 -13.44 -44.31 -14.45
N ARG C 165 -12.50 -44.45 -13.52
CA ARG C 165 -11.85 -43.28 -12.95
C ARG C 165 -11.42 -42.27 -14.03
N ARG C 166 -10.79 -42.68 -15.14
CA ARG C 166 -10.26 -41.63 -16.05
C ARG C 166 -11.37 -40.92 -16.90
N THR C 167 -12.36 -41.69 -17.33
CA THR C 167 -13.50 -41.10 -17.98
C THR C 167 -14.17 -40.20 -16.94
N ALA C 168 -14.05 -40.53 -15.65
CA ALA C 168 -14.73 -39.71 -14.64
C ALA C 168 -14.10 -38.34 -14.61
N GLU C 169 -12.78 -38.30 -14.53
CA GLU C 169 -12.05 -37.06 -14.64
C GLU C 169 -12.41 -36.35 -15.95
N ARG C 170 -12.32 -37.07 -17.06
CA ARG C 170 -12.64 -36.51 -18.35
C ARG C 170 -14.02 -35.83 -18.35
N ILE C 171 -14.98 -36.45 -17.67
CA ILE C 171 -16.35 -35.95 -17.51
C ILE C 171 -16.31 -34.62 -16.78
N LEU C 172 -15.57 -34.62 -15.67
CA LEU C 172 -15.40 -33.42 -14.89
C LEU C 172 -14.63 -32.31 -15.61
N GLU C 173 -13.52 -32.66 -16.25
CA GLU C 173 -12.75 -31.66 -16.99
C GLU C 173 -13.60 -30.91 -18.02
N ARG C 174 -14.46 -31.61 -18.75
CA ARG C 174 -15.34 -31.00 -19.76
C ARG C 174 -16.56 -30.29 -19.22
N PHE C 175 -17.23 -30.89 -18.25
CA PHE C 175 -18.50 -30.35 -17.79
C PHE C 175 -18.40 -29.42 -16.60
N GLY C 176 -17.35 -29.56 -15.82
CA GLY C 176 -17.12 -28.65 -14.70
C GLY C 176 -17.80 -29.12 -13.43
N SER C 177 -19.09 -29.44 -13.50
CA SER C 177 -19.88 -29.93 -12.38
C SER C 177 -20.60 -31.15 -12.78
N LEU C 178 -20.87 -31.99 -11.79
CA LEU C 178 -21.77 -33.10 -11.97
C LEU C 178 -23.08 -32.53 -12.51
N GLU C 179 -23.74 -31.72 -11.68
CA GLU C 179 -24.96 -31.00 -12.03
C GLU C 179 -24.96 -30.60 -13.50
N ARG C 180 -23.87 -29.98 -13.93
CA ARG C 180 -23.64 -29.60 -15.35
C ARG C 180 -23.74 -30.81 -16.34
N PHE C 181 -23.03 -31.89 -16.06
CA PHE C 181 -23.06 -33.06 -16.93
C PHE C 181 -24.38 -33.83 -16.79
N PHE C 182 -24.89 -33.95 -15.55
CA PHE C 182 -26.17 -34.63 -15.26
C PHE C 182 -27.33 -33.88 -15.98
N THR C 183 -27.08 -32.61 -16.27
CA THR C 183 -28.00 -31.80 -17.01
C THR C 183 -27.74 -31.93 -18.51
N ALA C 184 -26.61 -32.49 -18.92
CA ALA C 184 -26.20 -32.48 -20.34
C ALA C 184 -27.03 -33.33 -21.28
N SER C 185 -26.85 -33.07 -22.57
CA SER C 185 -27.59 -33.68 -23.66
C SER C 185 -26.91 -34.95 -24.21
N LYS C 186 -27.71 -36.00 -24.49
CA LYS C 186 -27.20 -37.28 -25.03
C LYS C 186 -26.11 -37.10 -26.06
N ALA C 187 -26.14 -35.98 -26.77
CA ALA C 187 -25.07 -35.66 -27.70
C ALA C 187 -23.78 -35.26 -26.95
N GLU C 188 -23.83 -34.09 -26.34
CA GLU C 188 -22.64 -33.46 -25.85
C GLU C 188 -21.87 -34.36 -24.89
N ILE C 189 -22.58 -35.29 -24.25
CA ILE C 189 -21.98 -36.31 -23.40
C ILE C 189 -21.22 -37.36 -24.21
N SER C 190 -21.78 -37.77 -25.35
CA SER C 190 -21.12 -38.84 -26.11
C SER C 190 -19.87 -38.35 -26.83
N LYS C 191 -19.54 -37.08 -26.65
CA LYS C 191 -18.31 -36.54 -27.22
C LYS C 191 -17.18 -36.70 -26.22
N VAL C 192 -17.43 -37.50 -25.18
CA VAL C 192 -16.45 -37.73 -24.11
C VAL C 192 -15.78 -39.12 -24.21
N GLU C 193 -14.48 -39.10 -24.46
CA GLU C 193 -13.70 -40.30 -24.67
C GLU C 193 -13.93 -41.32 -23.57
N GLY C 194 -14.59 -42.41 -23.92
CA GLY C 194 -14.97 -43.44 -22.93
C GLY C 194 -16.49 -43.60 -22.86
N ILE C 195 -17.22 -42.48 -22.97
CA ILE C 195 -18.65 -42.49 -23.21
C ILE C 195 -18.88 -42.60 -24.73
N GLY C 196 -19.40 -43.74 -25.18
CA GLY C 196 -19.76 -43.86 -26.57
C GLY C 196 -20.93 -42.99 -26.98
N GLU C 197 -21.47 -43.29 -28.16
CA GLU C 197 -22.80 -42.84 -28.52
C GLU C 197 -23.75 -43.67 -27.68
N LYS C 198 -23.49 -44.98 -27.63
CA LYS C 198 -24.32 -45.90 -26.88
C LYS C 198 -24.35 -45.58 -25.38
N ARG C 199 -23.19 -45.33 -24.76
CA ARG C 199 -23.12 -45.04 -23.28
C ARG C 199 -23.97 -43.85 -22.88
N ALA C 200 -23.91 -42.83 -23.74
CA ALA C 200 -24.77 -41.66 -23.66
C ALA C 200 -26.22 -42.04 -23.33
N GLU C 201 -26.82 -42.85 -24.19
CA GLU C 201 -28.23 -43.23 -24.05
C GLU C 201 -28.40 -43.89 -22.69
N GLU C 202 -27.68 -44.98 -22.47
CA GLU C 202 -27.70 -45.69 -21.21
C GLU C 202 -27.64 -44.67 -20.05
N ILE C 203 -26.69 -43.73 -20.11
CA ILE C 203 -26.57 -42.72 -19.06
C ILE C 203 -27.73 -41.73 -19.04
N LYS C 204 -28.03 -41.10 -20.18
CA LYS C 204 -29.19 -40.17 -20.26
C LYS C 204 -30.47 -40.91 -19.79
N LYS C 205 -30.59 -42.21 -20.10
CA LYS C 205 -31.72 -43.03 -19.70
C LYS C 205 -31.80 -43.06 -18.18
N ILE C 206 -30.72 -43.50 -17.55
CA ILE C 206 -30.69 -43.59 -16.09
C ILE C 206 -31.02 -42.26 -15.41
N LEU C 207 -30.37 -41.19 -15.87
CA LEU C 207 -30.68 -39.85 -15.42
C LEU C 207 -32.19 -39.55 -15.47
N MET C 208 -32.89 -40.04 -16.48
CA MET C 208 -34.20 -39.51 -16.78
C MET C 208 -35.37 -40.46 -16.58
N THR C 209 -35.10 -41.75 -16.37
CA THR C 209 -36.24 -42.66 -16.24
C THR C 209 -36.86 -42.64 -14.83
N PRO C 210 -38.19 -42.49 -14.78
CA PRO C 210 -39.02 -42.60 -13.58
C PRO C 210 -38.91 -43.96 -12.89
N TYR C 211 -39.43 -44.01 -11.67
CA TYR C 211 -39.34 -45.14 -10.75
C TYR C 211 -40.80 -45.44 -10.37
N LYS C 212 -41.09 -46.66 -9.91
CA LYS C 212 -42.50 -47.00 -9.64
C LYS C 212 -42.91 -46.64 -8.22
N PRO D 2 6.49 -36.61 -9.57
CA PRO D 2 6.11 -35.38 -8.89
C PRO D 2 5.97 -34.19 -9.89
N ARG D 3 4.74 -33.66 -9.96
CA ARG D 3 4.39 -32.51 -10.79
C ARG D 3 4.09 -31.29 -9.91
N VAL D 4 4.67 -30.13 -10.24
CA VAL D 4 4.33 -28.88 -9.55
C VAL D 4 3.61 -27.92 -10.46
N TYR D 5 2.79 -27.07 -9.86
CA TYR D 5 2.22 -25.93 -10.57
C TYR D 5 2.94 -24.61 -10.23
N VAL D 6 3.38 -23.90 -11.26
CA VAL D 6 4.32 -22.80 -11.09
C VAL D 6 3.78 -21.59 -11.76
N ASP D 7 3.61 -20.50 -11.00
CA ASP D 7 3.12 -19.23 -11.55
C ASP D 7 3.99 -18.72 -12.69
N VAL D 8 3.32 -18.24 -13.74
CA VAL D 8 4.02 -17.72 -14.92
C VAL D 8 5.04 -16.63 -14.58
N ARG D 9 4.79 -15.87 -13.50
CA ARG D 9 5.79 -14.94 -12.99
C ARG D 9 7.01 -15.68 -12.45
N GLU D 10 6.82 -16.42 -11.37
CA GLU D 10 7.88 -17.19 -10.81
C GLU D 10 8.59 -18.03 -11.87
N GLU D 11 7.88 -18.37 -12.95
CA GLU D 11 8.48 -19.07 -14.10
C GLU D 11 9.87 -18.51 -14.48
N ARG D 12 10.10 -17.22 -14.22
CA ARG D 12 11.35 -16.54 -14.57
C ARG D 12 12.48 -16.71 -13.53
N SER D 13 12.29 -17.61 -12.56
CA SER D 13 13.27 -17.83 -11.48
C SER D 13 14.39 -18.80 -11.88
N PRO D 14 15.51 -18.80 -11.13
CA PRO D 14 16.48 -19.87 -11.42
C PRO D 14 15.89 -21.25 -11.06
N VAL D 15 14.84 -21.19 -10.24
CA VAL D 15 14.30 -22.34 -9.49
C VAL D 15 13.62 -23.42 -10.33
N PRO D 16 12.71 -23.04 -11.25
CA PRO D 16 11.97 -24.05 -12.00
C PRO D 16 12.84 -25.03 -12.82
N SER D 17 13.93 -24.49 -13.37
CA SER D 17 14.94 -25.26 -14.11
C SER D 17 15.63 -26.29 -13.20
N ILE D 18 16.18 -25.81 -12.08
CA ILE D 18 16.76 -26.73 -11.09
C ILE D 18 15.75 -27.80 -10.69
N LEU D 19 14.47 -27.44 -10.66
CA LEU D 19 13.43 -28.37 -10.22
C LEU D 19 13.12 -29.50 -11.25
N GLU D 20 13.13 -29.18 -12.54
CA GLU D 20 13.13 -30.24 -13.57
C GLU D 20 14.46 -30.98 -13.60
N SER D 21 15.52 -30.26 -13.24
CA SER D 21 16.83 -30.83 -13.13
C SER D 21 16.70 -31.98 -12.13
N LEU D 22 16.33 -31.64 -10.90
CA LEU D 22 16.12 -32.64 -9.86
C LEU D 22 15.04 -33.65 -10.27
N GLY D 23 14.33 -33.38 -11.35
CA GLY D 23 13.43 -34.37 -11.91
C GLY D 23 12.00 -34.23 -11.45
N VAL D 24 11.56 -32.99 -11.31
CA VAL D 24 10.18 -32.73 -11.01
C VAL D 24 9.64 -32.09 -12.25
N GLN D 25 8.48 -32.58 -12.70
CA GLN D 25 7.72 -31.97 -13.78
C GLN D 25 7.19 -30.60 -13.33
N VAL D 26 7.44 -29.57 -14.14
CA VAL D 26 7.15 -28.18 -13.74
C VAL D 26 6.15 -27.50 -14.69
N ILE D 27 4.88 -27.48 -14.28
CA ILE D 27 3.82 -26.92 -15.12
C ILE D 27 3.61 -25.42 -14.78
N PRO D 28 3.50 -24.54 -15.80
CA PRO D 28 3.09 -23.20 -15.45
C PRO D 28 1.58 -23.02 -15.57
N LYS D 29 0.99 -22.33 -14.59
CA LYS D 29 -0.38 -21.83 -14.68
C LYS D 29 -0.38 -20.32 -14.43
N GLN D 30 -1.52 -19.66 -14.64
CA GLN D 30 -1.69 -18.28 -14.17
C GLN D 30 -2.26 -18.38 -12.76
N LEU D 31 -1.39 -18.73 -11.81
CA LEU D 31 -1.79 -19.17 -10.47
C LEU D 31 -2.72 -18.23 -9.70
N PRO D 32 -3.82 -18.79 -9.12
CA PRO D 32 -4.62 -18.01 -8.17
C PRO D 32 -3.75 -17.38 -7.09
N MET D 33 -3.03 -18.22 -6.33
CA MET D 33 -2.23 -17.72 -5.19
C MET D 33 -0.82 -18.28 -5.23
N GLY D 34 0.07 -17.72 -4.40
CA GLY D 34 1.43 -18.24 -4.18
C GLY D 34 2.30 -18.44 -5.42
N ASP D 35 3.35 -19.24 -5.30
CA ASP D 35 4.23 -19.49 -6.44
C ASP D 35 4.26 -20.96 -6.93
N TYR D 36 4.07 -21.91 -6.00
CA TYR D 36 4.09 -23.36 -6.29
C TYR D 36 3.00 -24.20 -5.62
N LEU D 37 2.15 -24.82 -6.41
CA LEU D 37 1.15 -25.74 -5.90
C LEU D 37 1.73 -27.11 -6.02
N VAL D 38 1.72 -27.85 -4.91
CA VAL D 38 2.31 -29.20 -4.88
C VAL D 38 1.24 -30.32 -4.82
N SER D 39 0.28 -30.17 -3.93
CA SER D 39 -0.94 -30.97 -3.93
C SER D 39 -2.11 -30.01 -3.77
N ASP D 40 -3.33 -30.55 -3.71
CA ASP D 40 -4.49 -29.74 -3.36
C ASP D 40 -4.16 -28.94 -2.09
N SER D 41 -3.75 -29.67 -1.06
CA SER D 41 -3.57 -29.10 0.27
C SER D 41 -2.42 -28.08 0.37
N ILE D 42 -1.26 -28.44 -0.20
CA ILE D 42 0.00 -27.69 -0.07
C ILE D 42 0.24 -26.62 -1.14
N ILE D 43 0.41 -25.36 -0.70
CA ILE D 43 0.90 -24.27 -1.57
C ILE D 43 2.21 -23.64 -1.04
N VAL D 44 2.98 -23.00 -1.91
CA VAL D 44 4.26 -22.41 -1.53
C VAL D 44 4.46 -21.09 -2.25
N GLU D 45 4.76 -20.03 -1.50
CA GLU D 45 5.27 -18.78 -2.06
C GLU D 45 6.74 -18.72 -1.68
N ARG D 46 7.60 -18.47 -2.65
CA ARG D 46 8.97 -18.15 -2.33
C ARG D 46 9.04 -16.64 -2.23
N LYS D 47 9.70 -16.14 -1.18
CA LYS D 47 9.95 -14.71 -1.00
C LYS D 47 11.43 -14.54 -0.66
N THR D 48 12.16 -13.79 -1.49
CA THR D 48 13.61 -13.61 -1.28
C THR D 48 13.75 -12.75 -0.02
N SER D 49 14.79 -13.00 0.77
CA SER D 49 14.91 -12.41 2.11
C SER D 49 14.65 -10.91 2.12
N SER D 50 15.17 -10.21 1.12
CA SER D 50 14.95 -8.78 0.96
C SER D 50 13.50 -8.43 0.58
N ASP D 51 12.87 -9.18 -0.33
CA ASP D 51 11.43 -8.99 -0.68
C ASP D 51 10.50 -9.33 0.48
N PHE D 52 10.93 -10.24 1.35
CA PHE D 52 10.27 -10.48 2.61
C PHE D 52 10.55 -9.34 3.57
N ALA D 53 11.73 -8.75 3.45
CA ALA D 53 12.05 -7.56 4.25
C ALA D 53 11.35 -6.31 3.68
N LYS D 54 11.06 -6.32 2.37
CA LYS D 54 10.41 -5.18 1.73
C LYS D 54 8.88 -5.22 1.85
N SER D 55 8.32 -6.41 2.06
CA SER D 55 6.86 -6.54 2.19
C SER D 55 6.41 -6.55 3.64
N LEU D 56 7.28 -7.06 4.52
CA LEU D 56 7.11 -7.03 5.97
C LEU D 56 6.94 -5.61 6.41
N PHE D 57 7.84 -4.75 5.92
CA PHE D 57 7.85 -3.32 6.19
C PHE D 57 6.82 -2.56 5.36
N ASP D 58 6.20 -3.26 4.40
CA ASP D 58 5.10 -2.70 3.62
C ASP D 58 3.75 -3.42 3.79
N GLY D 59 3.56 -4.07 4.96
CA GLY D 59 2.29 -4.73 5.33
C GLY D 59 1.73 -5.68 4.27
N ARG D 60 1.88 -5.31 2.99
CA ARG D 60 1.53 -6.14 1.84
C ARG D 60 1.97 -7.58 2.09
N LEU D 61 2.73 -7.77 3.16
CA LEU D 61 3.14 -9.09 3.59
C LEU D 61 1.96 -9.81 4.27
N PHE D 62 1.71 -9.46 5.53
CA PHE D 62 0.71 -10.14 6.37
C PHE D 62 -0.63 -10.32 5.68
N GLU D 63 -1.02 -9.32 4.87
CA GLU D 63 -2.22 -9.38 4.05
C GLU D 63 -2.22 -10.57 3.05
N GLN D 64 -1.22 -10.62 2.16
CA GLN D 64 -1.02 -11.80 1.30
C GLN D 64 -1.01 -13.07 2.16
N ALA D 65 -0.28 -13.02 3.28
CA ALA D 65 -0.10 -14.17 4.20
C ALA D 65 -1.41 -14.79 4.70
N SER D 66 -2.30 -13.95 5.24
CA SER D 66 -3.66 -14.35 5.60
C SER D 66 -4.32 -15.04 4.42
N ARG D 67 -4.56 -14.25 3.36
CA ARG D 67 -5.14 -14.72 2.08
C ARG D 67 -4.64 -16.10 1.65
N LEU D 68 -3.33 -16.25 1.50
CA LEU D 68 -2.73 -17.53 1.07
C LEU D 68 -3.02 -18.66 2.06
N ALA D 69 -3.07 -18.31 3.34
CA ALA D 69 -3.25 -19.29 4.41
C ALA D 69 -4.71 -19.54 4.71
N GLU D 70 -5.55 -18.55 4.41
CA GLU D 70 -6.98 -18.69 4.56
C GLU D 70 -7.51 -19.76 3.62
N HIS D 71 -7.20 -19.64 2.33
CA HIS D 71 -7.70 -20.58 1.30
C HIS D 71 -7.15 -22.01 1.45
N TYR D 72 -5.83 -22.10 1.63
CA TYR D 72 -5.17 -23.41 1.67
C TYR D 72 -4.93 -23.86 3.10
N GLU D 73 -4.44 -25.09 3.25
CA GLU D 73 -4.16 -25.68 4.57
C GLU D 73 -2.65 -25.69 4.89
N THR D 74 -1.87 -26.45 4.12
CA THR D 74 -0.44 -26.47 4.32
C THR D 74 0.15 -25.28 3.56
N VAL D 75 0.56 -24.23 4.25
CA VAL D 75 1.18 -23.13 3.53
C VAL D 75 2.62 -22.91 3.97
N PHE D 76 3.53 -23.06 3.02
CA PHE D 76 4.94 -22.76 3.22
C PHE D 76 5.33 -21.41 2.66
N ILE D 77 6.10 -20.67 3.47
CA ILE D 77 6.84 -19.54 2.94
C ILE D 77 8.32 -19.93 2.97
N ILE D 78 8.85 -20.27 1.80
CA ILE D 78 10.28 -20.54 1.72
C ILE D 78 10.91 -19.17 1.58
N VAL D 79 11.85 -18.83 2.46
CA VAL D 79 12.54 -17.53 2.38
C VAL D 79 13.99 -17.70 1.86
N GLU D 80 14.36 -16.89 0.86
CA GLU D 80 15.58 -17.14 0.06
C GLU D 80 16.87 -16.40 0.47
N GLY D 81 17.94 -17.18 0.68
CA GLY D 81 19.25 -16.60 1.02
C GLY D 81 19.54 -16.55 2.51
N PRO D 82 20.32 -15.55 2.95
CA PRO D 82 20.57 -15.34 4.38
C PRO D 82 19.45 -14.52 5.06
N PRO D 83 18.98 -14.98 6.24
CA PRO D 83 17.80 -14.44 6.92
C PRO D 83 17.73 -12.92 6.89
N VAL D 84 18.85 -12.28 7.23
CA VAL D 84 18.93 -10.82 7.26
C VAL D 84 20.10 -10.32 6.41
N PRO D 85 19.78 -9.68 5.26
CA PRO D 85 20.72 -8.80 4.55
C PRO D 85 21.20 -7.63 5.40
N ARG D 86 22.29 -7.01 4.95
CA ARG D 86 22.92 -5.90 5.66
C ARG D 86 22.24 -4.55 5.44
N ARG D 87 21.37 -4.47 4.42
CA ARG D 87 20.60 -3.24 4.15
C ARG D 87 19.53 -3.05 5.23
N TYR D 88 19.23 -4.15 5.90
CA TYR D 88 18.32 -4.16 7.02
C TYR D 88 18.98 -4.87 8.19
N ARG D 89 20.31 -4.87 8.26
CA ARG D 89 21.06 -5.55 9.34
C ARG D 89 20.97 -4.82 10.69
N GLY D 90 19.74 -4.50 11.08
CA GLY D 90 19.44 -3.76 12.31
C GLY D 90 17.93 -3.72 12.49
N ARG D 91 17.23 -3.66 11.37
CA ARG D 91 15.78 -3.75 11.36
C ARG D 91 15.29 -5.19 11.56
N GLU D 92 16.11 -6.03 12.18
CA GLU D 92 15.74 -7.45 12.35
C GLU D 92 14.90 -7.71 13.60
N ARG D 93 14.83 -6.72 14.50
CA ARG D 93 13.99 -6.82 15.68
C ARG D 93 12.57 -7.27 15.29
N SER D 94 11.93 -6.57 14.36
CA SER D 94 10.61 -7.00 13.87
C SER D 94 10.70 -8.19 12.91
N LEU D 95 11.81 -8.30 12.16
CA LEU D 95 12.02 -9.35 11.14
C LEU D 95 11.74 -10.77 11.65
N TYR D 96 12.61 -11.26 12.53
CA TYR D 96 12.43 -12.57 13.15
C TYR D 96 11.19 -12.60 14.06
N ALA D 97 10.73 -11.42 14.49
CA ALA D 97 9.47 -11.29 15.24
C ALA D 97 8.30 -11.58 14.32
N ALA D 98 8.41 -11.14 13.07
CA ALA D 98 7.39 -11.35 12.05
C ALA D 98 7.22 -12.84 11.75
N MET D 99 8.36 -13.54 11.59
CA MET D 99 8.37 -14.98 11.32
C MET D 99 7.60 -15.73 12.40
N ALA D 100 8.06 -15.56 13.64
CA ALA D 100 7.39 -16.09 14.81
C ALA D 100 5.86 -15.86 14.74
N ALA D 101 5.48 -14.62 14.40
CA ALA D 101 4.08 -14.27 14.19
C ALA D 101 3.48 -15.14 13.07
N LEU D 102 4.05 -15.04 11.86
CA LEU D 102 3.56 -15.75 10.69
C LEU D 102 3.26 -17.20 11.00
N GLN D 103 4.26 -17.89 11.56
CA GLN D 103 4.12 -19.30 11.92
C GLN D 103 2.99 -19.52 12.90
N LEU D 104 3.17 -18.93 14.10
CA LEU D 104 2.24 -19.08 15.21
C LEU D 104 0.87 -18.51 14.97
N ASP D 105 0.80 -17.37 14.31
CA ASP D 105 -0.49 -16.76 14.04
C ASP D 105 -1.25 -17.34 12.88
N TYR D 106 -0.54 -17.75 11.83
CA TYR D 106 -1.21 -17.99 10.55
C TYR D 106 -1.17 -19.41 9.96
N GLY D 107 -0.99 -20.41 10.83
CA GLY D 107 -0.96 -21.84 10.40
C GLY D 107 0.24 -22.18 9.53
N ILE D 108 1.03 -21.15 9.21
CA ILE D 108 2.16 -21.16 8.29
C ILE D 108 3.33 -22.05 8.73
N ARG D 109 3.95 -22.68 7.73
CA ARG D 109 5.25 -23.31 7.89
C ARG D 109 6.27 -22.48 7.10
N LEU D 110 7.38 -22.12 7.73
CA LEU D 110 8.36 -21.21 7.12
C LEU D 110 9.76 -21.79 7.08
N MET D 111 10.28 -22.10 5.89
CA MET D 111 11.69 -22.50 5.80
C MET D 111 12.44 -21.21 5.52
N ASN D 112 13.75 -21.24 5.74
CA ASN D 112 14.68 -20.30 5.11
C ASN D 112 15.67 -21.12 4.33
N THR D 113 15.70 -20.89 3.02
CA THR D 113 16.78 -21.44 2.18
C THR D 113 17.79 -20.34 1.93
N MET D 114 19.03 -20.74 1.66
CA MET D 114 20.16 -19.80 1.48
C MET D 114 20.47 -19.49 0.03
N ASP D 115 19.55 -19.87 -0.88
CA ASP D 115 19.73 -19.71 -2.33
C ASP D 115 18.50 -20.24 -3.11
N PRO D 116 18.50 -20.09 -4.45
CA PRO D 116 17.49 -20.78 -5.28
C PRO D 116 17.40 -22.30 -5.05
N LYS D 117 18.54 -23.01 -5.16
CA LYS D 117 18.56 -24.49 -5.16
C LYS D 117 17.98 -25.01 -3.85
N GLY D 118 18.35 -24.36 -2.74
CA GLY D 118 17.80 -24.67 -1.43
C GLY D 118 16.30 -24.78 -1.60
N THR D 119 15.72 -23.64 -1.97
CA THR D 119 14.33 -23.53 -2.43
C THR D 119 13.91 -24.71 -3.30
N ALA D 120 14.55 -24.88 -4.45
CA ALA D 120 14.24 -25.99 -5.36
C ALA D 120 14.42 -27.36 -4.69
N LEU D 121 15.40 -27.46 -3.80
CA LEU D 121 15.59 -28.66 -3.00
C LEU D 121 14.45 -28.80 -2.04
N VAL D 122 14.09 -27.68 -1.40
CA VAL D 122 12.94 -27.71 -0.54
C VAL D 122 11.76 -28.20 -1.38
N ILE D 123 11.51 -27.55 -2.52
CA ILE D 123 10.26 -27.82 -3.24
C ILE D 123 10.17 -29.24 -3.75
N GLU D 124 11.29 -29.77 -4.26
CA GLU D 124 11.34 -31.19 -4.67
C GLU D 124 10.96 -32.14 -3.51
N SER D 125 11.68 -32.00 -2.39
CA SER D 125 11.44 -32.73 -1.15
C SER D 125 9.99 -32.87 -0.82
N LEU D 126 9.25 -31.77 -0.97
CA LEU D 126 7.85 -31.72 -0.59
C LEU D 126 7.04 -32.51 -1.59
N ALA D 127 7.09 -32.10 -2.86
CA ALA D 127 6.52 -32.83 -3.99
C ALA D 127 6.70 -34.36 -3.85
N ARG D 128 7.94 -34.83 -4.00
CA ARG D 128 8.31 -36.20 -3.65
C ARG D 128 7.54 -36.71 -2.43
N LEU D 129 7.68 -36.02 -1.31
CA LEU D 129 7.07 -36.53 -0.09
C LEU D 129 5.54 -36.52 -0.08
N SER D 130 4.91 -36.46 -1.25
CA SER D 130 3.44 -36.58 -1.31
C SER D 130 2.95 -37.45 -2.47
N THR D 131 3.84 -37.73 -3.41
CA THR D 131 3.73 -38.88 -4.30
C THR D 131 4.63 -39.98 -3.75
N ARG D 132 4.14 -40.57 -2.67
CA ARG D 132 4.80 -41.66 -2.01
C ARG D 132 3.66 -42.44 -1.41
N GLU D 133 3.57 -43.68 -1.84
CA GLU D 133 2.81 -44.69 -1.15
C GLU D 133 2.93 -44.54 0.38
N GLY D 134 1.83 -44.79 1.08
CA GLY D 134 1.89 -44.78 2.53
C GLY D 134 0.95 -43.77 3.13
N GLY D 135 0.59 -42.77 2.34
CA GLY D 135 -0.41 -41.79 2.77
C GLY D 135 -1.83 -42.07 2.28
N GLN D 136 -1.98 -43.17 1.53
CA GLN D 136 -3.20 -43.40 0.80
C GLN D 136 -3.53 -44.86 0.78
N ARG D 137 -4.78 -45.20 1.13
CA ARG D 137 -5.34 -46.53 0.83
C ARG D 137 -5.85 -46.51 -0.59
N ILE D 138 -5.56 -47.53 -1.38
CA ILE D 138 -6.13 -47.51 -2.71
C ILE D 138 -7.00 -48.72 -2.90
N VAL D 139 -8.30 -48.49 -2.77
CA VAL D 139 -9.27 -49.56 -2.96
C VAL D 139 -9.74 -49.68 -4.40
N ILE D 140 -9.90 -50.93 -4.84
CA ILE D 140 -10.40 -51.22 -6.16
C ILE D 140 -11.65 -52.11 -6.12
N HIS D 141 -12.84 -51.51 -6.08
CA HIS D 141 -14.09 -52.24 -6.10
C HIS D 141 -14.40 -52.68 -7.51
N LYS D 142 -14.81 -53.92 -7.70
CA LYS D 142 -15.44 -54.31 -8.94
C LYS D 142 -16.91 -53.82 -8.90
N LYS D 143 -17.59 -53.91 -10.02
CA LYS D 143 -18.86 -53.24 -10.11
C LYS D 143 -19.93 -54.27 -10.41
N PRO D 144 -21.14 -54.08 -9.85
CA PRO D 144 -22.23 -55.00 -10.17
C PRO D 144 -22.44 -55.12 -11.69
N ARG D 145 -22.68 -56.34 -12.18
CA ARG D 145 -23.24 -56.49 -13.51
C ARG D 145 -24.76 -56.33 -13.33
N LEU D 146 -25.19 -55.07 -13.24
CA LEU D 146 -26.51 -54.75 -12.73
C LEU D 146 -27.58 -54.68 -13.82
N SER D 147 -28.79 -55.18 -13.50
CA SER D 147 -29.87 -55.41 -14.50
C SER D 147 -30.83 -54.23 -14.74
N ASP D 148 -31.87 -54.07 -13.89
CA ASP D 148 -32.79 -52.91 -13.91
C ASP D 148 -32.05 -51.61 -14.13
N VAL D 149 -32.66 -50.69 -14.87
CA VAL D 149 -32.36 -49.27 -14.75
C VAL D 149 -32.46 -48.89 -13.27
N ARG D 150 -33.46 -49.43 -12.57
CA ARG D 150 -33.76 -49.07 -11.16
C ARG D 150 -32.75 -49.61 -10.17
N GLU D 151 -32.00 -50.65 -10.54
CA GLU D 151 -30.88 -51.05 -9.72
C GLU D 151 -29.79 -49.94 -9.80
N TRP D 152 -29.38 -49.63 -11.03
CA TRP D 152 -28.46 -48.53 -11.28
C TRP D 152 -28.86 -47.25 -10.53
N GLN D 153 -30.10 -46.83 -10.71
CA GLN D 153 -30.52 -45.61 -10.03
C GLN D 153 -30.09 -45.67 -8.56
N LEU D 154 -30.29 -46.84 -7.93
CA LEU D 154 -30.02 -47.01 -6.50
C LEU D 154 -28.55 -47.16 -6.16
N TYR D 155 -27.80 -47.90 -6.98
CA TYR D 155 -26.34 -47.94 -6.86
C TYR D 155 -25.79 -46.53 -6.92
N ILE D 156 -26.13 -45.81 -8.00
CA ILE D 156 -25.60 -44.46 -8.20
C ILE D 156 -25.85 -43.57 -6.98
N LEU D 157 -27.11 -43.52 -6.54
CA LEU D 157 -27.56 -42.70 -5.42
C LEU D 157 -26.87 -43.05 -4.10
N GLN D 158 -26.65 -44.33 -3.89
CA GLN D 158 -25.94 -44.75 -2.72
C GLN D 158 -24.52 -44.18 -2.71
N SER D 159 -23.99 -43.79 -3.86
CA SER D 159 -22.60 -43.32 -3.98
C SER D 159 -22.40 -42.05 -3.22
N PHE D 160 -23.51 -41.33 -3.03
CA PHE D 160 -23.53 -40.07 -2.32
C PHE D 160 -23.36 -40.29 -0.85
N PRO D 161 -22.61 -39.40 -0.16
CA PRO D 161 -22.28 -39.58 1.24
C PRO D 161 -23.50 -39.44 2.15
N GLY D 162 -23.65 -40.39 3.07
CA GLY D 162 -24.80 -40.41 3.95
C GLY D 162 -25.79 -41.42 3.44
N ILE D 163 -26.14 -41.31 2.15
CA ILE D 163 -27.23 -42.08 1.54
C ILE D 163 -26.96 -43.56 1.51
N GLY D 164 -27.92 -44.31 2.04
CA GLY D 164 -27.92 -45.75 2.00
C GLY D 164 -29.05 -46.18 1.12
N ARG D 165 -29.37 -47.47 1.18
CA ARG D 165 -30.34 -48.09 0.26
C ARG D 165 -31.80 -47.60 0.44
N ARG D 166 -32.22 -47.43 1.70
CA ARG D 166 -33.57 -46.97 1.95
C ARG D 166 -33.71 -45.51 1.57
N THR D 167 -32.82 -44.65 2.09
CA THR D 167 -32.82 -43.22 1.71
C THR D 167 -32.89 -43.14 0.21
N ALA D 168 -32.10 -43.98 -0.46
CA ALA D 168 -32.12 -44.07 -1.92
C ALA D 168 -33.56 -44.16 -2.48
N GLU D 169 -34.29 -45.20 -2.07
CA GLU D 169 -35.67 -45.36 -2.51
C GLU D 169 -36.49 -44.10 -2.16
N ARG D 170 -36.30 -43.58 -0.95
CA ARG D 170 -37.01 -42.39 -0.55
C ARG D 170 -36.75 -41.27 -1.54
N ILE D 171 -35.49 -41.10 -1.91
CA ILE D 171 -35.15 -40.10 -2.88
C ILE D 171 -35.95 -40.34 -4.16
N LEU D 172 -35.85 -41.56 -4.68
CA LEU D 172 -36.56 -41.87 -5.92
C LEU D 172 -38.09 -41.81 -5.86
N GLU D 173 -38.63 -42.18 -4.71
CA GLU D 173 -40.02 -41.96 -4.43
C GLU D 173 -40.31 -40.47 -4.51
N ARG D 174 -39.64 -39.69 -3.66
CA ARG D 174 -39.83 -38.22 -3.65
C ARG D 174 -39.54 -37.55 -5.00
N PHE D 175 -38.47 -37.95 -5.70
CA PHE D 175 -38.10 -37.23 -6.95
C PHE D 175 -38.43 -37.88 -8.31
N GLY D 176 -38.21 -39.19 -8.44
CA GLY D 176 -38.60 -39.91 -9.64
C GLY D 176 -37.63 -39.89 -10.80
N SER D 177 -36.75 -38.89 -10.82
CA SER D 177 -35.63 -38.84 -11.77
C SER D 177 -34.41 -38.60 -10.94
N LEU D 178 -33.30 -39.26 -11.26
CA LEU D 178 -32.01 -38.77 -10.78
C LEU D 178 -31.80 -37.31 -11.21
N GLU D 179 -31.99 -37.01 -12.50
CA GLU D 179 -32.02 -35.63 -13.00
C GLU D 179 -32.76 -34.78 -11.98
N ARG D 180 -34.04 -35.07 -11.70
CA ARG D 180 -34.81 -34.17 -10.87
C ARG D 180 -34.16 -34.02 -9.51
N PHE D 181 -33.72 -35.12 -8.93
CA PHE D 181 -33.06 -35.02 -7.65
C PHE D 181 -31.78 -34.21 -7.75
N PHE D 182 -31.00 -34.49 -8.78
CA PHE D 182 -29.72 -33.78 -8.97
C PHE D 182 -29.89 -32.28 -9.12
N THR D 183 -31.08 -31.86 -9.54
CA THR D 183 -31.37 -30.45 -9.70
C THR D 183 -32.26 -29.94 -8.60
N ALA D 184 -32.61 -30.77 -7.62
CA ALA D 184 -33.40 -30.24 -6.50
C ALA D 184 -32.63 -29.14 -5.74
N SER D 185 -33.30 -28.48 -4.80
CA SER D 185 -32.68 -27.44 -4.02
C SER D 185 -32.29 -27.98 -2.65
N LYS D 186 -31.39 -27.28 -1.96
CA LYS D 186 -30.92 -27.74 -0.63
C LYS D 186 -32.15 -28.03 0.25
N ALA D 187 -33.05 -27.03 0.30
CA ALA D 187 -34.33 -27.14 0.95
C ALA D 187 -35.01 -28.46 0.56
N GLU D 188 -35.51 -28.60 -0.68
CA GLU D 188 -36.30 -29.78 -1.10
C GLU D 188 -35.69 -31.10 -0.61
N ILE D 189 -34.35 -31.15 -0.61
CA ILE D 189 -33.54 -32.32 -0.27
C ILE D 189 -33.44 -32.66 1.25
N SER D 190 -33.16 -31.64 2.06
CA SER D 190 -32.99 -31.89 3.48
C SER D 190 -34.29 -32.37 4.14
N LYS D 191 -35.41 -32.34 3.42
CA LYS D 191 -36.63 -32.85 4.04
C LYS D 191 -36.76 -34.33 3.83
N VAL D 192 -36.16 -34.83 2.76
CA VAL D 192 -36.15 -36.27 2.49
C VAL D 192 -35.62 -37.06 3.71
N GLU D 193 -36.52 -37.75 4.42
CA GLU D 193 -36.15 -38.58 5.59
C GLU D 193 -34.86 -39.37 5.34
N GLY D 194 -33.82 -39.03 6.11
CA GLY D 194 -32.52 -39.68 6.00
C GLY D 194 -31.43 -38.71 5.62
N ILE D 195 -31.83 -37.59 5.04
CA ILE D 195 -30.92 -36.50 4.72
C ILE D 195 -31.25 -35.25 5.56
N GLY D 196 -30.40 -34.90 6.51
CA GLY D 196 -30.68 -33.72 7.31
C GLY D 196 -30.36 -32.41 6.61
N GLU D 197 -30.12 -31.36 7.41
CA GLU D 197 -29.52 -30.12 6.92
C GLU D 197 -28.11 -30.42 6.38
N LYS D 198 -27.17 -30.68 7.31
CA LYS D 198 -25.77 -30.95 6.96
C LYS D 198 -25.56 -31.82 5.68
N ARG D 199 -26.14 -33.02 5.63
CA ARG D 199 -25.93 -33.91 4.47
C ARG D 199 -26.39 -33.30 3.14
N ALA D 200 -27.32 -32.34 3.20
CA ALA D 200 -27.81 -31.71 1.98
C ALA D 200 -26.84 -30.63 1.50
N GLU D 201 -26.23 -29.88 2.43
CA GLU D 201 -25.11 -28.98 2.07
C GLU D 201 -24.05 -29.77 1.30
N GLU D 202 -23.71 -30.96 1.82
CA GLU D 202 -22.63 -31.79 1.27
C GLU D 202 -22.99 -32.35 -0.12
N ILE D 203 -24.21 -32.84 -0.26
CA ILE D 203 -24.69 -33.34 -1.55
C ILE D 203 -24.67 -32.19 -2.58
N LYS D 204 -24.98 -30.97 -2.14
CA LYS D 204 -24.92 -29.84 -3.08
C LYS D 204 -23.53 -29.20 -3.28
N LYS D 205 -22.65 -29.32 -2.27
CA LYS D 205 -21.28 -28.94 -2.49
C LYS D 205 -20.80 -29.92 -3.56
N ILE D 206 -21.09 -31.21 -3.35
CA ILE D 206 -20.70 -32.26 -4.29
C ILE D 206 -21.29 -32.01 -5.67
N LEU D 207 -22.58 -31.67 -5.72
CA LEU D 207 -23.25 -31.46 -6.98
C LEU D 207 -22.80 -30.19 -7.75
N MET D 208 -22.35 -29.15 -7.05
CA MET D 208 -22.07 -27.91 -7.75
C MET D 208 -20.69 -27.26 -7.58
N THR D 209 -19.79 -27.88 -6.82
CA THR D 209 -18.38 -27.50 -6.80
C THR D 209 -17.68 -27.94 -8.11
N PRO D 210 -16.96 -26.98 -8.77
CA PRO D 210 -16.22 -27.20 -10.02
C PRO D 210 -15.01 -28.15 -9.85
N TYR D 211 -14.26 -28.40 -10.92
CA TYR D 211 -13.18 -29.40 -10.85
C TYR D 211 -11.80 -28.77 -10.96
N LYS D 212 -10.82 -29.34 -10.22
CA LYS D 212 -9.41 -28.91 -10.30
C LYS D 212 -8.67 -29.63 -11.42
#